data_1VPC
# 
_entry.id   1VPC 
# 
_audit_conform.dict_name       mmcif_pdbx.dic 
_audit_conform.dict_version    5.392 
_audit_conform.dict_location   http://mmcif.pdb.org/dictionaries/ascii/mmcif_pdbx.dic 
# 
loop_
_database_2.database_id 
_database_2.database_code 
_database_2.pdbx_database_accession 
_database_2.pdbx_DOI 
PDB   1VPC         pdb_00001vpc 10.2210/pdb1vpc/pdb 
WWPDB D_1000177085 ?            ?                   
# 
loop_
_pdbx_audit_revision_history.ordinal 
_pdbx_audit_revision_history.data_content_type 
_pdbx_audit_revision_history.major_revision 
_pdbx_audit_revision_history.minor_revision 
_pdbx_audit_revision_history.revision_date 
1 'Structure model' 1 0 1999-03-23 
2 'Structure model' 1 1 2008-03-24 
3 'Structure model' 1 2 2011-07-13 
4 'Structure model' 1 3 2022-03-02 
5 'Structure model' 1 4 2024-05-22 
# 
_pdbx_audit_revision_details.ordinal             1 
_pdbx_audit_revision_details.revision_ordinal    1 
_pdbx_audit_revision_details.data_content_type   'Structure model' 
_pdbx_audit_revision_details.provider            repository 
_pdbx_audit_revision_details.type                'Initial release' 
_pdbx_audit_revision_details.description         ? 
_pdbx_audit_revision_details.details             ? 
# 
loop_
_pdbx_audit_revision_group.ordinal 
_pdbx_audit_revision_group.revision_ordinal 
_pdbx_audit_revision_group.data_content_type 
_pdbx_audit_revision_group.group 
1 2 'Structure model' 'Version format compliance' 
2 3 'Structure model' 'Version format compliance' 
3 4 'Structure model' 'Data collection'           
4 4 'Structure model' 'Database references'       
5 4 'Structure model' 'Derived calculations'      
6 4 'Structure model' Other                       
7 5 'Structure model' 'Data collection'           
# 
loop_
_pdbx_audit_revision_category.ordinal 
_pdbx_audit_revision_category.revision_ordinal 
_pdbx_audit_revision_category.data_content_type 
_pdbx_audit_revision_category.category 
1 4 'Structure model' database_2            
2 4 'Structure model' pdbx_database_status  
3 4 'Structure model' pdbx_nmr_software     
4 4 'Structure model' pdbx_struct_assembly  
5 4 'Structure model' pdbx_struct_oper_list 
6 5 'Structure model' chem_comp_atom        
7 5 'Structure model' chem_comp_bond        
# 
loop_
_pdbx_audit_revision_item.ordinal 
_pdbx_audit_revision_item.revision_ordinal 
_pdbx_audit_revision_item.data_content_type 
_pdbx_audit_revision_item.item 
1 4 'Structure model' '_database_2.pdbx_DOI'                
2 4 'Structure model' '_database_2.pdbx_database_accession' 
3 4 'Structure model' '_pdbx_database_status.process_site'  
4 4 'Structure model' '_pdbx_nmr_software.name'             
# 
_pdbx_database_status.status_code                     REL 
_pdbx_database_status.entry_id                        1VPC 
_pdbx_database_status.recvd_initial_deposition_date   1998-02-20 
_pdbx_database_status.deposit_site                    ? 
_pdbx_database_status.process_site                    BNL 
_pdbx_database_status.SG_entry                        . 
_pdbx_database_status.pdb_format_compatible           Y 
_pdbx_database_status.status_code_mr                  ? 
_pdbx_database_status.status_code_sf                  ? 
_pdbx_database_status.status_code_cs                  ? 
_pdbx_database_status.status_code_nmr_data            ? 
_pdbx_database_status.methods_development_category    ? 
# 
loop_
_audit_author.name 
_audit_author.pdbx_ordinal 
'Schueler, W.'     1 
'De Rocquigny, H.' 2 
'Baudat, Y.'       3 
'Sire, J.'         4 
'Roques, B.P.'     5 
# 
_citation.id                        primary 
_citation.title                     
;NMR structure of the (52-96) C-terminal domain of the HIV-1 regulatory protein Vpr: molecular insights into its biological functions.
;
_citation.journal_abbrev            J.Mol.Biol. 
_citation.journal_volume            285 
_citation.page_first                2105 
_citation.page_last                 2117 
_citation.year                      1999 
_citation.journal_id_ASTM           JMOBAK 
_citation.country                   UK 
_citation.journal_id_ISSN           0022-2836 
_citation.journal_id_CSD            0070 
_citation.book_publisher            ? 
_citation.pdbx_database_id_PubMed   9925788 
_citation.pdbx_database_id_DOI      10.1006/jmbi.1998.2381 
# 
loop_
_citation_author.citation_id 
_citation_author.name 
_citation_author.ordinal 
_citation_author.identifier_ORCID 
primary 'Schuler, W.'      1 ? 
primary 'Wecker, K.'       2 ? 
primary 'de Rocquigny, H.' 3 ? 
primary 'Baudat, Y.'       4 ? 
primary 'Sire, J.'         5 ? 
primary 'Roques, B.P.'     6 ? 
# 
_entity.id                         1 
_entity.type                       polymer 
_entity.src_method                 man 
_entity.pdbx_description           'VPR PROTEIN' 
_entity.formula_weight             5257.138 
_entity.pdbx_number_of_molecules   1 
_entity.pdbx_ec                    ? 
_entity.pdbx_mutation              ? 
_entity.pdbx_fragment              'C-TERMINAL DOMAIN, RESIDUES 52-96' 
_entity.details                    ? 
# 
_entity_name_com.entity_id   1 
_entity_name_com.name        'VPR HIV-1 (LAI)' 
# 
_entity_poly.entity_id                      1 
_entity_poly.type                           'polypeptide(L)' 
_entity_poly.nstd_linkage                   no 
_entity_poly.nstd_monomer                   no 
_entity_poly.pdbx_seq_one_letter_code       DTWTGVEALIRILQQLLFIHFRIGCRHSRIGIIQQRRTRNGASKS 
_entity_poly.pdbx_seq_one_letter_code_can   DTWTGVEALIRILQQLLFIHFRIGCRHSRIGIIQQRRTRNGASKS 
_entity_poly.pdbx_strand_id                 A 
_entity_poly.pdbx_target_identifier         ? 
# 
loop_
_entity_poly_seq.entity_id 
_entity_poly_seq.num 
_entity_poly_seq.mon_id 
_entity_poly_seq.hetero 
1 1  ASP n 
1 2  THR n 
1 3  TRP n 
1 4  THR n 
1 5  GLY n 
1 6  VAL n 
1 7  GLU n 
1 8  ALA n 
1 9  LEU n 
1 10 ILE n 
1 11 ARG n 
1 12 ILE n 
1 13 LEU n 
1 14 GLN n 
1 15 GLN n 
1 16 LEU n 
1 17 LEU n 
1 18 PHE n 
1 19 ILE n 
1 20 HIS n 
1 21 PHE n 
1 22 ARG n 
1 23 ILE n 
1 24 GLY n 
1 25 CYS n 
1 26 ARG n 
1 27 HIS n 
1 28 SER n 
1 29 ARG n 
1 30 ILE n 
1 31 GLY n 
1 32 ILE n 
1 33 ILE n 
1 34 GLN n 
1 35 GLN n 
1 36 ARG n 
1 37 ARG n 
1 38 THR n 
1 39 ARG n 
1 40 ASN n 
1 41 GLY n 
1 42 ALA n 
1 43 SER n 
1 44 LYS n 
1 45 SER n 
# 
_entity_src_gen.entity_id                          1 
_entity_src_gen.pdbx_src_id                        1 
_entity_src_gen.pdbx_alt_source_flag               sample 
_entity_src_gen.pdbx_seq_type                      ? 
_entity_src_gen.pdbx_beg_seq_num                   ? 
_entity_src_gen.pdbx_end_seq_num                   ? 
_entity_src_gen.gene_src_common_name               ? 
_entity_src_gen.gene_src_genus                     Lentivirus 
_entity_src_gen.pdbx_gene_src_gene                 ? 
_entity_src_gen.gene_src_species                   ? 
_entity_src_gen.gene_src_strain                    ? 
_entity_src_gen.gene_src_tissue                    ? 
_entity_src_gen.gene_src_tissue_fraction           ? 
_entity_src_gen.gene_src_details                   ? 
_entity_src_gen.pdbx_gene_src_fragment             ? 
_entity_src_gen.pdbx_gene_src_scientific_name      'Human immunodeficiency virus 1' 
_entity_src_gen.pdbx_gene_src_ncbi_taxonomy_id     11676 
_entity_src_gen.pdbx_gene_src_variant              ? 
_entity_src_gen.pdbx_gene_src_cell_line            ? 
_entity_src_gen.pdbx_gene_src_atcc                 ? 
_entity_src_gen.pdbx_gene_src_organ                ? 
_entity_src_gen.pdbx_gene_src_organelle            ? 
_entity_src_gen.pdbx_gene_src_cell                 ? 
_entity_src_gen.pdbx_gene_src_cellular_location    ? 
_entity_src_gen.host_org_common_name               ? 
_entity_src_gen.pdbx_host_org_scientific_name      ? 
_entity_src_gen.pdbx_host_org_ncbi_taxonomy_id     ? 
_entity_src_gen.host_org_genus                     ? 
_entity_src_gen.pdbx_host_org_gene                 ? 
_entity_src_gen.pdbx_host_org_organ                ? 
_entity_src_gen.host_org_species                   ? 
_entity_src_gen.pdbx_host_org_tissue               ? 
_entity_src_gen.pdbx_host_org_tissue_fraction      ? 
_entity_src_gen.pdbx_host_org_strain               ? 
_entity_src_gen.pdbx_host_org_variant              ? 
_entity_src_gen.pdbx_host_org_cell_line            ? 
_entity_src_gen.pdbx_host_org_atcc                 ? 
_entity_src_gen.pdbx_host_org_culture_collection   ? 
_entity_src_gen.pdbx_host_org_cell                 ? 
_entity_src_gen.pdbx_host_org_organelle            ? 
_entity_src_gen.pdbx_host_org_cellular_location    ? 
_entity_src_gen.pdbx_host_org_vector_type          ? 
_entity_src_gen.pdbx_host_org_vector               ? 
_entity_src_gen.host_org_details                   ? 
_entity_src_gen.expression_system_id               ? 
_entity_src_gen.plasmid_name                       ? 
_entity_src_gen.plasmid_details                    ? 
_entity_src_gen.pdbx_description                   ? 
# 
loop_
_chem_comp.id 
_chem_comp.type 
_chem_comp.mon_nstd_flag 
_chem_comp.name 
_chem_comp.pdbx_synonyms 
_chem_comp.formula 
_chem_comp.formula_weight 
ALA 'L-peptide linking' y ALANINE         ? 'C3 H7 N O2'     89.093  
ARG 'L-peptide linking' y ARGININE        ? 'C6 H15 N4 O2 1' 175.209 
ASN 'L-peptide linking' y ASPARAGINE      ? 'C4 H8 N2 O3'    132.118 
ASP 'L-peptide linking' y 'ASPARTIC ACID' ? 'C4 H7 N O4'     133.103 
CYS 'L-peptide linking' y CYSTEINE        ? 'C3 H7 N O2 S'   121.158 
GLN 'L-peptide linking' y GLUTAMINE       ? 'C5 H10 N2 O3'   146.144 
GLU 'L-peptide linking' y 'GLUTAMIC ACID' ? 'C5 H9 N O4'     147.129 
GLY 'peptide linking'   y GLYCINE         ? 'C2 H5 N O2'     75.067  
HIS 'L-peptide linking' y HISTIDINE       ? 'C6 H10 N3 O2 1' 156.162 
ILE 'L-peptide linking' y ISOLEUCINE      ? 'C6 H13 N O2'    131.173 
LEU 'L-peptide linking' y LEUCINE         ? 'C6 H13 N O2'    131.173 
LYS 'L-peptide linking' y LYSINE          ? 'C6 H15 N2 O2 1' 147.195 
PHE 'L-peptide linking' y PHENYLALANINE   ? 'C9 H11 N O2'    165.189 
SER 'L-peptide linking' y SERINE          ? 'C3 H7 N O3'     105.093 
THR 'L-peptide linking' y THREONINE       ? 'C4 H9 N O3'     119.119 
TRP 'L-peptide linking' y TRYPTOPHAN      ? 'C11 H12 N2 O2'  204.225 
VAL 'L-peptide linking' y VALINE          ? 'C5 H11 N O2'    117.146 
# 
loop_
_pdbx_poly_seq_scheme.asym_id 
_pdbx_poly_seq_scheme.entity_id 
_pdbx_poly_seq_scheme.seq_id 
_pdbx_poly_seq_scheme.mon_id 
_pdbx_poly_seq_scheme.ndb_seq_num 
_pdbx_poly_seq_scheme.pdb_seq_num 
_pdbx_poly_seq_scheme.auth_seq_num 
_pdbx_poly_seq_scheme.pdb_mon_id 
_pdbx_poly_seq_scheme.auth_mon_id 
_pdbx_poly_seq_scheme.pdb_strand_id 
_pdbx_poly_seq_scheme.pdb_ins_code 
_pdbx_poly_seq_scheme.hetero 
A 1 1  ASP 1  52 52 ASP ASP A . n 
A 1 2  THR 2  53 53 THR THR A . n 
A 1 3  TRP 3  54 54 TRP TRP A . n 
A 1 4  THR 4  55 55 THR THR A . n 
A 1 5  GLY 5  56 56 GLY GLY A . n 
A 1 6  VAL 6  57 57 VAL VAL A . n 
A 1 7  GLU 7  58 58 GLU GLU A . n 
A 1 8  ALA 8  59 59 ALA ALA A . n 
A 1 9  LEU 9  60 60 LEU LEU A . n 
A 1 10 ILE 10 61 61 ILE ILE A . n 
A 1 11 ARG 11 62 62 ARG ARG A . n 
A 1 12 ILE 12 63 63 ILE ILE A . n 
A 1 13 LEU 13 64 64 LEU LEU A . n 
A 1 14 GLN 14 65 65 GLN GLN A . n 
A 1 15 GLN 15 66 66 GLN GLN A . n 
A 1 16 LEU 16 67 67 LEU LEU A . n 
A 1 17 LEU 17 68 68 LEU LEU A . n 
A 1 18 PHE 18 69 69 PHE PHE A . n 
A 1 19 ILE 19 70 70 ILE ILE A . n 
A 1 20 HIS 20 71 71 HIS HIS A . n 
A 1 21 PHE 21 72 72 PHE PHE A . n 
A 1 22 ARG 22 73 73 ARG ARG A . n 
A 1 23 ILE 23 74 74 ILE ILE A . n 
A 1 24 GLY 24 75 75 GLY GLY A . n 
A 1 25 CYS 25 76 76 CYS CYS A . n 
A 1 26 ARG 26 77 77 ARG ARG A . n 
A 1 27 HIS 27 78 78 HIS HIS A . n 
A 1 28 SER 28 79 79 SER SER A . n 
A 1 29 ARG 29 80 80 ARG ARG A . n 
A 1 30 ILE 30 81 81 ILE ILE A . n 
A 1 31 GLY 31 82 82 GLY GLY A . n 
A 1 32 ILE 32 83 83 ILE ILE A . n 
A 1 33 ILE 33 84 84 ILE ILE A . n 
A 1 34 GLN 34 85 85 GLN GLN A . n 
A 1 35 GLN 35 86 86 GLN GLN A . n 
A 1 36 ARG 36 87 87 ARG ARG A . n 
A 1 37 ARG 37 88 88 ARG ARG A . n 
A 1 38 THR 38 89 89 THR THR A . n 
A 1 39 ARG 39 90 90 ARG ARG A . n 
A 1 40 ASN 40 91 91 ASN ASN A . n 
A 1 41 GLY 41 92 92 GLY GLY A . n 
A 1 42 ALA 42 93 93 ALA ALA A . n 
A 1 43 SER 43 94 94 SER SER A . n 
A 1 44 LYS 44 95 95 LYS LYS A . n 
A 1 45 SER 45 96 96 SER SER A . n 
# 
_cell.entry_id           1VPC 
_cell.length_a           1.000 
_cell.length_b           1.000 
_cell.length_c           1.000 
_cell.angle_alpha        90.00 
_cell.angle_beta         90.00 
_cell.angle_gamma        90.00 
_cell.Z_PDB              1 
_cell.pdbx_unique_axis   ? 
# 
_symmetry.entry_id                         1VPC 
_symmetry.space_group_name_H-M             'P 1' 
_symmetry.pdbx_full_space_group_name_H-M   ? 
_symmetry.cell_setting                     ? 
_symmetry.Int_Tables_number                1 
# 
_exptl.entry_id          1VPC 
_exptl.method            'SOLUTION NMR' 
_exptl.crystals_number   ? 
# 
_struct.entry_id                  1VPC 
_struct.title                     'C-TERMINAL DOMAIN (52-96) OF THE HIV-1 REGULATORY PROTEIN VPR, NMR, 1 STRUCTURE' 
_struct.pdbx_model_details        ? 
_struct.pdbx_CASP_flag            ? 
_struct.pdbx_model_type_details   ? 
# 
_struct_keywords.entry_id        1VPC 
_struct_keywords.pdbx_keywords   'REGULATORY PROTEIN' 
_struct_keywords.text            'REGULATORY PROTEIN, HELICAL DOMAIN, LEUCINE-ZIPPER' 
# 
_struct_asym.id                            A 
_struct_asym.pdbx_blank_PDB_chainid_flag   Y 
_struct_asym.pdbx_modified                 N 
_struct_asym.entity_id                     1 
_struct_asym.details                       ? 
# 
_struct_ref.id                         1 
_struct_ref.db_name                    UNP 
_struct_ref.db_code                    Q73369_9HIV1 
_struct_ref.entity_id                  1 
_struct_ref.pdbx_db_accession          Q73369 
_struct_ref.pdbx_align_begin           1 
_struct_ref.pdbx_seq_one_letter_code   
;MEQAPEDQGPQREPYNDWTLELLEELKNEAVRHFPRIWLHSLGQHIYETYGDTWTGVEALIRILQQLLFIHFRIGCRHSR
IGIIQQRRTRNGASKS
;
_struct_ref.pdbx_db_isoform            ? 
# 
_struct_ref_seq.align_id                      1 
_struct_ref_seq.ref_id                        1 
_struct_ref_seq.pdbx_PDB_id_code              1VPC 
_struct_ref_seq.pdbx_strand_id                A 
_struct_ref_seq.seq_align_beg                 1 
_struct_ref_seq.pdbx_seq_align_beg_ins_code   ? 
_struct_ref_seq.seq_align_end                 45 
_struct_ref_seq.pdbx_seq_align_end_ins_code   ? 
_struct_ref_seq.pdbx_db_accession             Q73369 
_struct_ref_seq.db_align_beg                  52 
_struct_ref_seq.pdbx_db_align_beg_ins_code    ? 
_struct_ref_seq.db_align_end                  96 
_struct_ref_seq.pdbx_db_align_end_ins_code    ? 
_struct_ref_seq.pdbx_auth_seq_align_beg       52 
_struct_ref_seq.pdbx_auth_seq_align_end       96 
# 
_pdbx_struct_assembly.id                   1 
_pdbx_struct_assembly.details              author_defined_assembly 
_pdbx_struct_assembly.method_details       ? 
_pdbx_struct_assembly.oligomeric_details   monomeric 
_pdbx_struct_assembly.oligomeric_count     1 
# 
_pdbx_struct_assembly_gen.assembly_id       1 
_pdbx_struct_assembly_gen.oper_expression   1 
_pdbx_struct_assembly_gen.asym_id_list      A 
# 
_pdbx_struct_oper_list.id                   1 
_pdbx_struct_oper_list.type                 'identity operation' 
_pdbx_struct_oper_list.name                 1_555 
_pdbx_struct_oper_list.symmetry_operation   x,y,z 
_pdbx_struct_oper_list.matrix[1][1]         1.0000000000 
_pdbx_struct_oper_list.matrix[1][2]         0.0000000000 
_pdbx_struct_oper_list.matrix[1][3]         0.0000000000 
_pdbx_struct_oper_list.vector[1]            0.0000000000 
_pdbx_struct_oper_list.matrix[2][1]         0.0000000000 
_pdbx_struct_oper_list.matrix[2][2]         1.0000000000 
_pdbx_struct_oper_list.matrix[2][3]         0.0000000000 
_pdbx_struct_oper_list.vector[2]            0.0000000000 
_pdbx_struct_oper_list.matrix[3][1]         0.0000000000 
_pdbx_struct_oper_list.matrix[3][2]         0.0000000000 
_pdbx_struct_oper_list.matrix[3][3]         1.0000000000 
_pdbx_struct_oper_list.vector[3]            0.0000000000 
# 
_struct_biol.id   1 
# 
_struct_conf.conf_type_id            HELX_P 
_struct_conf.id                      HELX_P1 
_struct_conf.pdbx_PDB_helix_id       1 
_struct_conf.beg_label_comp_id       TRP 
_struct_conf.beg_label_asym_id       A 
_struct_conf.beg_label_seq_id        3 
_struct_conf.pdbx_beg_PDB_ins_code   ? 
_struct_conf.end_label_comp_id       CYS 
_struct_conf.end_label_asym_id       A 
_struct_conf.end_label_seq_id        25 
_struct_conf.pdbx_end_PDB_ins_code   ? 
_struct_conf.beg_auth_comp_id        TRP 
_struct_conf.beg_auth_asym_id        A 
_struct_conf.beg_auth_seq_id         54 
_struct_conf.end_auth_comp_id        CYS 
_struct_conf.end_auth_asym_id        A 
_struct_conf.end_auth_seq_id         76 
_struct_conf.pdbx_PDB_helix_class    1 
_struct_conf.details                 ? 
_struct_conf.pdbx_PDB_helix_length   23 
# 
_struct_conf_type.id          HELX_P 
_struct_conf_type.criteria    ? 
_struct_conf_type.reference   ? 
# 
loop_
_pdbx_validate_rmsd_bond.id 
_pdbx_validate_rmsd_bond.PDB_model_num 
_pdbx_validate_rmsd_bond.auth_atom_id_1 
_pdbx_validate_rmsd_bond.auth_asym_id_1 
_pdbx_validate_rmsd_bond.auth_comp_id_1 
_pdbx_validate_rmsd_bond.auth_seq_id_1 
_pdbx_validate_rmsd_bond.PDB_ins_code_1 
_pdbx_validate_rmsd_bond.label_alt_id_1 
_pdbx_validate_rmsd_bond.auth_atom_id_2 
_pdbx_validate_rmsd_bond.auth_asym_id_2 
_pdbx_validate_rmsd_bond.auth_comp_id_2 
_pdbx_validate_rmsd_bond.auth_seq_id_2 
_pdbx_validate_rmsd_bond.PDB_ins_code_2 
_pdbx_validate_rmsd_bond.label_alt_id_2 
_pdbx_validate_rmsd_bond.bond_value 
_pdbx_validate_rmsd_bond.bond_target_value 
_pdbx_validate_rmsd_bond.bond_deviation 
_pdbx_validate_rmsd_bond.bond_standard_deviation 
_pdbx_validate_rmsd_bond.linker_flag 
1 1 CG A HIS 78 ? ? CD2 A HIS 78 ? ? 1.415 1.354 0.061 0.009 N 
2 1 C  A SER 96 ? ? OXT A SER 96 ? ? 1.380 1.229 0.151 0.019 N 
# 
loop_
_pdbx_validate_rmsd_angle.id 
_pdbx_validate_rmsd_angle.PDB_model_num 
_pdbx_validate_rmsd_angle.auth_atom_id_1 
_pdbx_validate_rmsd_angle.auth_asym_id_1 
_pdbx_validate_rmsd_angle.auth_comp_id_1 
_pdbx_validate_rmsd_angle.auth_seq_id_1 
_pdbx_validate_rmsd_angle.PDB_ins_code_1 
_pdbx_validate_rmsd_angle.label_alt_id_1 
_pdbx_validate_rmsd_angle.auth_atom_id_2 
_pdbx_validate_rmsd_angle.auth_asym_id_2 
_pdbx_validate_rmsd_angle.auth_comp_id_2 
_pdbx_validate_rmsd_angle.auth_seq_id_2 
_pdbx_validate_rmsd_angle.PDB_ins_code_2 
_pdbx_validate_rmsd_angle.label_alt_id_2 
_pdbx_validate_rmsd_angle.auth_atom_id_3 
_pdbx_validate_rmsd_angle.auth_asym_id_3 
_pdbx_validate_rmsd_angle.auth_comp_id_3 
_pdbx_validate_rmsd_angle.auth_seq_id_3 
_pdbx_validate_rmsd_angle.PDB_ins_code_3 
_pdbx_validate_rmsd_angle.label_alt_id_3 
_pdbx_validate_rmsd_angle.angle_value 
_pdbx_validate_rmsd_angle.angle_target_value 
_pdbx_validate_rmsd_angle.angle_deviation 
_pdbx_validate_rmsd_angle.angle_standard_deviation 
_pdbx_validate_rmsd_angle.linker_flag 
1 1 NE A ARG 62 ? ? CZ A ARG 62 ? ? NH1 A ARG 62 ? ? 124.13 120.30 3.83 0.50 N 
2 1 NE A ARG 73 ? ? CZ A ARG 73 ? ? NH1 A ARG 73 ? ? 124.06 120.30 3.76 0.50 N 
3 1 NE A ARG 77 ? ? CZ A ARG 77 ? ? NH1 A ARG 77 ? ? 124.07 120.30 3.77 0.50 N 
4 1 NE A ARG 80 ? ? CZ A ARG 80 ? ? NH1 A ARG 80 ? ? 124.05 120.30 3.75 0.50 N 
5 1 NE A ARG 87 ? ? CZ A ARG 87 ? ? NH1 A ARG 87 ? ? 123.98 120.30 3.68 0.50 N 
6 1 NE A ARG 88 ? ? CZ A ARG 88 ? ? NH1 A ARG 88 ? ? 124.00 120.30 3.70 0.50 N 
7 1 NE A ARG 90 ? ? CZ A ARG 90 ? ? NH1 A ARG 90 ? ? 124.20 120.30 3.90 0.50 N 
# 
loop_
_pdbx_validate_torsion.id 
_pdbx_validate_torsion.PDB_model_num 
_pdbx_validate_torsion.auth_comp_id 
_pdbx_validate_torsion.auth_asym_id 
_pdbx_validate_torsion.auth_seq_id 
_pdbx_validate_torsion.PDB_ins_code 
_pdbx_validate_torsion.label_alt_id 
_pdbx_validate_torsion.phi 
_pdbx_validate_torsion.psi 
1 1 HIS A 78 ? ? -110.49 -72.40 
2 1 ARG A 80 ? ? 76.62   64.49  
3 1 ILE A 81 ? ? -95.69  -74.04 
4 1 ILE A 83 ? ? 63.36   71.87  
5 1 GLN A 85 ? ? -155.53 -59.24 
6 1 ARG A 88 ? ? -102.53 -72.82 
# 
_pdbx_nmr_ensemble.entry_id                             1VPC 
_pdbx_nmr_ensemble.conformers_calculated_total_number   15 
_pdbx_nmr_ensemble.conformers_submitted_total_number    1 
_pdbx_nmr_ensemble.conformer_selection_criteria         'LEAST RESTRAINT VIOLATIONS, LOWEST TOTAL ENERGY' 
# 
_pdbx_nmr_sample_details.solution_id   1 
_pdbx_nmr_sample_details.contents      '70% H2O 30% TFE' 
# 
_pdbx_nmr_exptl_sample_conditions.conditions_id       1 
_pdbx_nmr_exptl_sample_conditions.temperature         313 
_pdbx_nmr_exptl_sample_conditions.pressure            1 
_pdbx_nmr_exptl_sample_conditions.pH                  3.4 
_pdbx_nmr_exptl_sample_conditions.ionic_strength      'LOW SALT CONDITIONS' 
_pdbx_nmr_exptl_sample_conditions.pressure_units      ATMOSPHERE 
_pdbx_nmr_exptl_sample_conditions.temperature_units   K 
# 
loop_
_pdbx_nmr_exptl.experiment_id 
_pdbx_nmr_exptl.conditions_id 
_pdbx_nmr_exptl.type 
_pdbx_nmr_exptl.solution_id 
1 1 NOESY  1 
2 1 TOCSY  1 
3 1 E.COSY 1 
# 
_pdbx_nmr_details.entry_id   1VPC 
_pdbx_nmr_details.text       'THE STRUCTURE WAS DETERMINED USING 1H-NMR SPECTROSCOPY ON THE C-TERMINAL DOMAIN (52-96)VPR.' 
# 
_pdbx_nmr_refine.entry_id           1VPC 
_pdbx_nmr_refine.method             'DYNAMICAL SIMULATED ANNEALING, MOLECULAR DYNAMICS, ENERGY MINIMIZATION' 
_pdbx_nmr_refine.details            
;SEVENTY STRUCTURES WERE GENERATED BY SIMULATED ANNEALING AND FIFTEEN SELECTED STRUCTURES FURTHER REFINED BY RESTRAINED MOLECULAR DYNAMICS (5PS 1000K, 10PS 600K, 55PS 300K) FOLLOWED BY ENERGY MINIMIZATION. THE BEST STRUCTURE SELECTED WITH RESPECT TO RESTRAINT VIOLATIONS AND TOTAL ENERGY IS PRESENTED IN THIS ENTRY.
;
_pdbx_nmr_refine.software_ordinal   1 
# 
loop_
_pdbx_nmr_software.classification 
_pdbx_nmr_software.name 
_pdbx_nmr_software.version 
_pdbx_nmr_software.authors 
_pdbx_nmr_software.ordinal 
refinement           Discover           ?     BIOSYM 1 
'structure solution' 'BRUKER UXNMR'     UXNMR ?      2 
'structure solution' 'BIOSYM/MSI FELIX' FELIX ?      3 
# 
loop_
_chem_comp_atom.comp_id 
_chem_comp_atom.atom_id 
_chem_comp_atom.type_symbol 
_chem_comp_atom.pdbx_aromatic_flag 
_chem_comp_atom.pdbx_stereo_config 
_chem_comp_atom.pdbx_ordinal 
ALA N    N N N 1   
ALA CA   C N S 2   
ALA C    C N N 3   
ALA O    O N N 4   
ALA CB   C N N 5   
ALA OXT  O N N 6   
ALA H    H N N 7   
ALA H2   H N N 8   
ALA HA   H N N 9   
ALA HB1  H N N 10  
ALA HB2  H N N 11  
ALA HB3  H N N 12  
ALA HXT  H N N 13  
ARG N    N N N 14  
ARG CA   C N S 15  
ARG C    C N N 16  
ARG O    O N N 17  
ARG CB   C N N 18  
ARG CG   C N N 19  
ARG CD   C N N 20  
ARG NE   N N N 21  
ARG CZ   C N N 22  
ARG NH1  N N N 23  
ARG NH2  N N N 24  
ARG OXT  O N N 25  
ARG H    H N N 26  
ARG H2   H N N 27  
ARG HA   H N N 28  
ARG HB2  H N N 29  
ARG HB3  H N N 30  
ARG HG2  H N N 31  
ARG HG3  H N N 32  
ARG HD2  H N N 33  
ARG HD3  H N N 34  
ARG HE   H N N 35  
ARG HH11 H N N 36  
ARG HH12 H N N 37  
ARG HH21 H N N 38  
ARG HH22 H N N 39  
ARG HXT  H N N 40  
ASN N    N N N 41  
ASN CA   C N S 42  
ASN C    C N N 43  
ASN O    O N N 44  
ASN CB   C N N 45  
ASN CG   C N N 46  
ASN OD1  O N N 47  
ASN ND2  N N N 48  
ASN OXT  O N N 49  
ASN H    H N N 50  
ASN H2   H N N 51  
ASN HA   H N N 52  
ASN HB2  H N N 53  
ASN HB3  H N N 54  
ASN HD21 H N N 55  
ASN HD22 H N N 56  
ASN HXT  H N N 57  
ASP N    N N N 58  
ASP CA   C N S 59  
ASP C    C N N 60  
ASP O    O N N 61  
ASP CB   C N N 62  
ASP CG   C N N 63  
ASP OD1  O N N 64  
ASP OD2  O N N 65  
ASP OXT  O N N 66  
ASP H    H N N 67  
ASP H2   H N N 68  
ASP HA   H N N 69  
ASP HB2  H N N 70  
ASP HB3  H N N 71  
ASP HD2  H N N 72  
ASP HXT  H N N 73  
CYS N    N N N 74  
CYS CA   C N R 75  
CYS C    C N N 76  
CYS O    O N N 77  
CYS CB   C N N 78  
CYS SG   S N N 79  
CYS OXT  O N N 80  
CYS H    H N N 81  
CYS H2   H N N 82  
CYS HA   H N N 83  
CYS HB2  H N N 84  
CYS HB3  H N N 85  
CYS HG   H N N 86  
CYS HXT  H N N 87  
GLN N    N N N 88  
GLN CA   C N S 89  
GLN C    C N N 90  
GLN O    O N N 91  
GLN CB   C N N 92  
GLN CG   C N N 93  
GLN CD   C N N 94  
GLN OE1  O N N 95  
GLN NE2  N N N 96  
GLN OXT  O N N 97  
GLN H    H N N 98  
GLN H2   H N N 99  
GLN HA   H N N 100 
GLN HB2  H N N 101 
GLN HB3  H N N 102 
GLN HG2  H N N 103 
GLN HG3  H N N 104 
GLN HE21 H N N 105 
GLN HE22 H N N 106 
GLN HXT  H N N 107 
GLU N    N N N 108 
GLU CA   C N S 109 
GLU C    C N N 110 
GLU O    O N N 111 
GLU CB   C N N 112 
GLU CG   C N N 113 
GLU CD   C N N 114 
GLU OE1  O N N 115 
GLU OE2  O N N 116 
GLU OXT  O N N 117 
GLU H    H N N 118 
GLU H2   H N N 119 
GLU HA   H N N 120 
GLU HB2  H N N 121 
GLU HB3  H N N 122 
GLU HG2  H N N 123 
GLU HG3  H N N 124 
GLU HE2  H N N 125 
GLU HXT  H N N 126 
GLY N    N N N 127 
GLY CA   C N N 128 
GLY C    C N N 129 
GLY O    O N N 130 
GLY OXT  O N N 131 
GLY H    H N N 132 
GLY H2   H N N 133 
GLY HA2  H N N 134 
GLY HA3  H N N 135 
GLY HXT  H N N 136 
HIS N    N N N 137 
HIS CA   C N S 138 
HIS C    C N N 139 
HIS O    O N N 140 
HIS CB   C N N 141 
HIS CG   C Y N 142 
HIS ND1  N Y N 143 
HIS CD2  C Y N 144 
HIS CE1  C Y N 145 
HIS NE2  N Y N 146 
HIS OXT  O N N 147 
HIS H    H N N 148 
HIS H2   H N N 149 
HIS HA   H N N 150 
HIS HB2  H N N 151 
HIS HB3  H N N 152 
HIS HD1  H N N 153 
HIS HD2  H N N 154 
HIS HE1  H N N 155 
HIS HE2  H N N 156 
HIS HXT  H N N 157 
ILE N    N N N 158 
ILE CA   C N S 159 
ILE C    C N N 160 
ILE O    O N N 161 
ILE CB   C N S 162 
ILE CG1  C N N 163 
ILE CG2  C N N 164 
ILE CD1  C N N 165 
ILE OXT  O N N 166 
ILE H    H N N 167 
ILE H2   H N N 168 
ILE HA   H N N 169 
ILE HB   H N N 170 
ILE HG12 H N N 171 
ILE HG13 H N N 172 
ILE HG21 H N N 173 
ILE HG22 H N N 174 
ILE HG23 H N N 175 
ILE HD11 H N N 176 
ILE HD12 H N N 177 
ILE HD13 H N N 178 
ILE HXT  H N N 179 
LEU N    N N N 180 
LEU CA   C N S 181 
LEU C    C N N 182 
LEU O    O N N 183 
LEU CB   C N N 184 
LEU CG   C N N 185 
LEU CD1  C N N 186 
LEU CD2  C N N 187 
LEU OXT  O N N 188 
LEU H    H N N 189 
LEU H2   H N N 190 
LEU HA   H N N 191 
LEU HB2  H N N 192 
LEU HB3  H N N 193 
LEU HG   H N N 194 
LEU HD11 H N N 195 
LEU HD12 H N N 196 
LEU HD13 H N N 197 
LEU HD21 H N N 198 
LEU HD22 H N N 199 
LEU HD23 H N N 200 
LEU HXT  H N N 201 
LYS N    N N N 202 
LYS CA   C N S 203 
LYS C    C N N 204 
LYS O    O N N 205 
LYS CB   C N N 206 
LYS CG   C N N 207 
LYS CD   C N N 208 
LYS CE   C N N 209 
LYS NZ   N N N 210 
LYS OXT  O N N 211 
LYS H    H N N 212 
LYS H2   H N N 213 
LYS HA   H N N 214 
LYS HB2  H N N 215 
LYS HB3  H N N 216 
LYS HG2  H N N 217 
LYS HG3  H N N 218 
LYS HD2  H N N 219 
LYS HD3  H N N 220 
LYS HE2  H N N 221 
LYS HE3  H N N 222 
LYS HZ1  H N N 223 
LYS HZ2  H N N 224 
LYS HZ3  H N N 225 
LYS HXT  H N N 226 
PHE N    N N N 227 
PHE CA   C N S 228 
PHE C    C N N 229 
PHE O    O N N 230 
PHE CB   C N N 231 
PHE CG   C Y N 232 
PHE CD1  C Y N 233 
PHE CD2  C Y N 234 
PHE CE1  C Y N 235 
PHE CE2  C Y N 236 
PHE CZ   C Y N 237 
PHE OXT  O N N 238 
PHE H    H N N 239 
PHE H2   H N N 240 
PHE HA   H N N 241 
PHE HB2  H N N 242 
PHE HB3  H N N 243 
PHE HD1  H N N 244 
PHE HD2  H N N 245 
PHE HE1  H N N 246 
PHE HE2  H N N 247 
PHE HZ   H N N 248 
PHE HXT  H N N 249 
SER N    N N N 250 
SER CA   C N S 251 
SER C    C N N 252 
SER O    O N N 253 
SER CB   C N N 254 
SER OG   O N N 255 
SER OXT  O N N 256 
SER H    H N N 257 
SER H2   H N N 258 
SER HA   H N N 259 
SER HB2  H N N 260 
SER HB3  H N N 261 
SER HG   H N N 262 
SER HXT  H N N 263 
THR N    N N N 264 
THR CA   C N S 265 
THR C    C N N 266 
THR O    O N N 267 
THR CB   C N R 268 
THR OG1  O N N 269 
THR CG2  C N N 270 
THR OXT  O N N 271 
THR H    H N N 272 
THR H2   H N N 273 
THR HA   H N N 274 
THR HB   H N N 275 
THR HG1  H N N 276 
THR HG21 H N N 277 
THR HG22 H N N 278 
THR HG23 H N N 279 
THR HXT  H N N 280 
TRP N    N N N 281 
TRP CA   C N S 282 
TRP C    C N N 283 
TRP O    O N N 284 
TRP CB   C N N 285 
TRP CG   C Y N 286 
TRP CD1  C Y N 287 
TRP CD2  C Y N 288 
TRP NE1  N Y N 289 
TRP CE2  C Y N 290 
TRP CE3  C Y N 291 
TRP CZ2  C Y N 292 
TRP CZ3  C Y N 293 
TRP CH2  C Y N 294 
TRP OXT  O N N 295 
TRP H    H N N 296 
TRP H2   H N N 297 
TRP HA   H N N 298 
TRP HB2  H N N 299 
TRP HB3  H N N 300 
TRP HD1  H N N 301 
TRP HE1  H N N 302 
TRP HE3  H N N 303 
TRP HZ2  H N N 304 
TRP HZ3  H N N 305 
TRP HH2  H N N 306 
TRP HXT  H N N 307 
VAL N    N N N 308 
VAL CA   C N S 309 
VAL C    C N N 310 
VAL O    O N N 311 
VAL CB   C N N 312 
VAL CG1  C N N 313 
VAL CG2  C N N 314 
VAL OXT  O N N 315 
VAL H    H N N 316 
VAL H2   H N N 317 
VAL HA   H N N 318 
VAL HB   H N N 319 
VAL HG11 H N N 320 
VAL HG12 H N N 321 
VAL HG13 H N N 322 
VAL HG21 H N N 323 
VAL HG22 H N N 324 
VAL HG23 H N N 325 
VAL HXT  H N N 326 
# 
loop_
_chem_comp_bond.comp_id 
_chem_comp_bond.atom_id_1 
_chem_comp_bond.atom_id_2 
_chem_comp_bond.value_order 
_chem_comp_bond.pdbx_aromatic_flag 
_chem_comp_bond.pdbx_stereo_config 
_chem_comp_bond.pdbx_ordinal 
ALA N   CA   sing N N 1   
ALA N   H    sing N N 2   
ALA N   H2   sing N N 3   
ALA CA  C    sing N N 4   
ALA CA  CB   sing N N 5   
ALA CA  HA   sing N N 6   
ALA C   O    doub N N 7   
ALA C   OXT  sing N N 8   
ALA CB  HB1  sing N N 9   
ALA CB  HB2  sing N N 10  
ALA CB  HB3  sing N N 11  
ALA OXT HXT  sing N N 12  
ARG N   CA   sing N N 13  
ARG N   H    sing N N 14  
ARG N   H2   sing N N 15  
ARG CA  C    sing N N 16  
ARG CA  CB   sing N N 17  
ARG CA  HA   sing N N 18  
ARG C   O    doub N N 19  
ARG C   OXT  sing N N 20  
ARG CB  CG   sing N N 21  
ARG CB  HB2  sing N N 22  
ARG CB  HB3  sing N N 23  
ARG CG  CD   sing N N 24  
ARG CG  HG2  sing N N 25  
ARG CG  HG3  sing N N 26  
ARG CD  NE   sing N N 27  
ARG CD  HD2  sing N N 28  
ARG CD  HD3  sing N N 29  
ARG NE  CZ   sing N N 30  
ARG NE  HE   sing N N 31  
ARG CZ  NH1  sing N N 32  
ARG CZ  NH2  doub N N 33  
ARG NH1 HH11 sing N N 34  
ARG NH1 HH12 sing N N 35  
ARG NH2 HH21 sing N N 36  
ARG NH2 HH22 sing N N 37  
ARG OXT HXT  sing N N 38  
ASN N   CA   sing N N 39  
ASN N   H    sing N N 40  
ASN N   H2   sing N N 41  
ASN CA  C    sing N N 42  
ASN CA  CB   sing N N 43  
ASN CA  HA   sing N N 44  
ASN C   O    doub N N 45  
ASN C   OXT  sing N N 46  
ASN CB  CG   sing N N 47  
ASN CB  HB2  sing N N 48  
ASN CB  HB3  sing N N 49  
ASN CG  OD1  doub N N 50  
ASN CG  ND2  sing N N 51  
ASN ND2 HD21 sing N N 52  
ASN ND2 HD22 sing N N 53  
ASN OXT HXT  sing N N 54  
ASP N   CA   sing N N 55  
ASP N   H    sing N N 56  
ASP N   H2   sing N N 57  
ASP CA  C    sing N N 58  
ASP CA  CB   sing N N 59  
ASP CA  HA   sing N N 60  
ASP C   O    doub N N 61  
ASP C   OXT  sing N N 62  
ASP CB  CG   sing N N 63  
ASP CB  HB2  sing N N 64  
ASP CB  HB3  sing N N 65  
ASP CG  OD1  doub N N 66  
ASP CG  OD2  sing N N 67  
ASP OD2 HD2  sing N N 68  
ASP OXT HXT  sing N N 69  
CYS N   CA   sing N N 70  
CYS N   H    sing N N 71  
CYS N   H2   sing N N 72  
CYS CA  C    sing N N 73  
CYS CA  CB   sing N N 74  
CYS CA  HA   sing N N 75  
CYS C   O    doub N N 76  
CYS C   OXT  sing N N 77  
CYS CB  SG   sing N N 78  
CYS CB  HB2  sing N N 79  
CYS CB  HB3  sing N N 80  
CYS SG  HG   sing N N 81  
CYS OXT HXT  sing N N 82  
GLN N   CA   sing N N 83  
GLN N   H    sing N N 84  
GLN N   H2   sing N N 85  
GLN CA  C    sing N N 86  
GLN CA  CB   sing N N 87  
GLN CA  HA   sing N N 88  
GLN C   O    doub N N 89  
GLN C   OXT  sing N N 90  
GLN CB  CG   sing N N 91  
GLN CB  HB2  sing N N 92  
GLN CB  HB3  sing N N 93  
GLN CG  CD   sing N N 94  
GLN CG  HG2  sing N N 95  
GLN CG  HG3  sing N N 96  
GLN CD  OE1  doub N N 97  
GLN CD  NE2  sing N N 98  
GLN NE2 HE21 sing N N 99  
GLN NE2 HE22 sing N N 100 
GLN OXT HXT  sing N N 101 
GLU N   CA   sing N N 102 
GLU N   H    sing N N 103 
GLU N   H2   sing N N 104 
GLU CA  C    sing N N 105 
GLU CA  CB   sing N N 106 
GLU CA  HA   sing N N 107 
GLU C   O    doub N N 108 
GLU C   OXT  sing N N 109 
GLU CB  CG   sing N N 110 
GLU CB  HB2  sing N N 111 
GLU CB  HB3  sing N N 112 
GLU CG  CD   sing N N 113 
GLU CG  HG2  sing N N 114 
GLU CG  HG3  sing N N 115 
GLU CD  OE1  doub N N 116 
GLU CD  OE2  sing N N 117 
GLU OE2 HE2  sing N N 118 
GLU OXT HXT  sing N N 119 
GLY N   CA   sing N N 120 
GLY N   H    sing N N 121 
GLY N   H2   sing N N 122 
GLY CA  C    sing N N 123 
GLY CA  HA2  sing N N 124 
GLY CA  HA3  sing N N 125 
GLY C   O    doub N N 126 
GLY C   OXT  sing N N 127 
GLY OXT HXT  sing N N 128 
HIS N   CA   sing N N 129 
HIS N   H    sing N N 130 
HIS N   H2   sing N N 131 
HIS CA  C    sing N N 132 
HIS CA  CB   sing N N 133 
HIS CA  HA   sing N N 134 
HIS C   O    doub N N 135 
HIS C   OXT  sing N N 136 
HIS CB  CG   sing N N 137 
HIS CB  HB2  sing N N 138 
HIS CB  HB3  sing N N 139 
HIS CG  ND1  sing Y N 140 
HIS CG  CD2  doub Y N 141 
HIS ND1 CE1  doub Y N 142 
HIS ND1 HD1  sing N N 143 
HIS CD2 NE2  sing Y N 144 
HIS CD2 HD2  sing N N 145 
HIS CE1 NE2  sing Y N 146 
HIS CE1 HE1  sing N N 147 
HIS NE2 HE2  sing N N 148 
HIS OXT HXT  sing N N 149 
ILE N   CA   sing N N 150 
ILE N   H    sing N N 151 
ILE N   H2   sing N N 152 
ILE CA  C    sing N N 153 
ILE CA  CB   sing N N 154 
ILE CA  HA   sing N N 155 
ILE C   O    doub N N 156 
ILE C   OXT  sing N N 157 
ILE CB  CG1  sing N N 158 
ILE CB  CG2  sing N N 159 
ILE CB  HB   sing N N 160 
ILE CG1 CD1  sing N N 161 
ILE CG1 HG12 sing N N 162 
ILE CG1 HG13 sing N N 163 
ILE CG2 HG21 sing N N 164 
ILE CG2 HG22 sing N N 165 
ILE CG2 HG23 sing N N 166 
ILE CD1 HD11 sing N N 167 
ILE CD1 HD12 sing N N 168 
ILE CD1 HD13 sing N N 169 
ILE OXT HXT  sing N N 170 
LEU N   CA   sing N N 171 
LEU N   H    sing N N 172 
LEU N   H2   sing N N 173 
LEU CA  C    sing N N 174 
LEU CA  CB   sing N N 175 
LEU CA  HA   sing N N 176 
LEU C   O    doub N N 177 
LEU C   OXT  sing N N 178 
LEU CB  CG   sing N N 179 
LEU CB  HB2  sing N N 180 
LEU CB  HB3  sing N N 181 
LEU CG  CD1  sing N N 182 
LEU CG  CD2  sing N N 183 
LEU CG  HG   sing N N 184 
LEU CD1 HD11 sing N N 185 
LEU CD1 HD12 sing N N 186 
LEU CD1 HD13 sing N N 187 
LEU CD2 HD21 sing N N 188 
LEU CD2 HD22 sing N N 189 
LEU CD2 HD23 sing N N 190 
LEU OXT HXT  sing N N 191 
LYS N   CA   sing N N 192 
LYS N   H    sing N N 193 
LYS N   H2   sing N N 194 
LYS CA  C    sing N N 195 
LYS CA  CB   sing N N 196 
LYS CA  HA   sing N N 197 
LYS C   O    doub N N 198 
LYS C   OXT  sing N N 199 
LYS CB  CG   sing N N 200 
LYS CB  HB2  sing N N 201 
LYS CB  HB3  sing N N 202 
LYS CG  CD   sing N N 203 
LYS CG  HG2  sing N N 204 
LYS CG  HG3  sing N N 205 
LYS CD  CE   sing N N 206 
LYS CD  HD2  sing N N 207 
LYS CD  HD3  sing N N 208 
LYS CE  NZ   sing N N 209 
LYS CE  HE2  sing N N 210 
LYS CE  HE3  sing N N 211 
LYS NZ  HZ1  sing N N 212 
LYS NZ  HZ2  sing N N 213 
LYS NZ  HZ3  sing N N 214 
LYS OXT HXT  sing N N 215 
PHE N   CA   sing N N 216 
PHE N   H    sing N N 217 
PHE N   H2   sing N N 218 
PHE CA  C    sing N N 219 
PHE CA  CB   sing N N 220 
PHE CA  HA   sing N N 221 
PHE C   O    doub N N 222 
PHE C   OXT  sing N N 223 
PHE CB  CG   sing N N 224 
PHE CB  HB2  sing N N 225 
PHE CB  HB3  sing N N 226 
PHE CG  CD1  doub Y N 227 
PHE CG  CD2  sing Y N 228 
PHE CD1 CE1  sing Y N 229 
PHE CD1 HD1  sing N N 230 
PHE CD2 CE2  doub Y N 231 
PHE CD2 HD2  sing N N 232 
PHE CE1 CZ   doub Y N 233 
PHE CE1 HE1  sing N N 234 
PHE CE2 CZ   sing Y N 235 
PHE CE2 HE2  sing N N 236 
PHE CZ  HZ   sing N N 237 
PHE OXT HXT  sing N N 238 
SER N   CA   sing N N 239 
SER N   H    sing N N 240 
SER N   H2   sing N N 241 
SER CA  C    sing N N 242 
SER CA  CB   sing N N 243 
SER CA  HA   sing N N 244 
SER C   O    doub N N 245 
SER C   OXT  sing N N 246 
SER CB  OG   sing N N 247 
SER CB  HB2  sing N N 248 
SER CB  HB3  sing N N 249 
SER OG  HG   sing N N 250 
SER OXT HXT  sing N N 251 
THR N   CA   sing N N 252 
THR N   H    sing N N 253 
THR N   H2   sing N N 254 
THR CA  C    sing N N 255 
THR CA  CB   sing N N 256 
THR CA  HA   sing N N 257 
THR C   O    doub N N 258 
THR C   OXT  sing N N 259 
THR CB  OG1  sing N N 260 
THR CB  CG2  sing N N 261 
THR CB  HB   sing N N 262 
THR OG1 HG1  sing N N 263 
THR CG2 HG21 sing N N 264 
THR CG2 HG22 sing N N 265 
THR CG2 HG23 sing N N 266 
THR OXT HXT  sing N N 267 
TRP N   CA   sing N N 268 
TRP N   H    sing N N 269 
TRP N   H2   sing N N 270 
TRP CA  C    sing N N 271 
TRP CA  CB   sing N N 272 
TRP CA  HA   sing N N 273 
TRP C   O    doub N N 274 
TRP C   OXT  sing N N 275 
TRP CB  CG   sing N N 276 
TRP CB  HB2  sing N N 277 
TRP CB  HB3  sing N N 278 
TRP CG  CD1  doub Y N 279 
TRP CG  CD2  sing Y N 280 
TRP CD1 NE1  sing Y N 281 
TRP CD1 HD1  sing N N 282 
TRP CD2 CE2  doub Y N 283 
TRP CD2 CE3  sing Y N 284 
TRP NE1 CE2  sing Y N 285 
TRP NE1 HE1  sing N N 286 
TRP CE2 CZ2  sing Y N 287 
TRP CE3 CZ3  doub Y N 288 
TRP CE3 HE3  sing N N 289 
TRP CZ2 CH2  doub Y N 290 
TRP CZ2 HZ2  sing N N 291 
TRP CZ3 CH2  sing Y N 292 
TRP CZ3 HZ3  sing N N 293 
TRP CH2 HH2  sing N N 294 
TRP OXT HXT  sing N N 295 
VAL N   CA   sing N N 296 
VAL N   H    sing N N 297 
VAL N   H2   sing N N 298 
VAL CA  C    sing N N 299 
VAL CA  CB   sing N N 300 
VAL CA  HA   sing N N 301 
VAL C   O    doub N N 302 
VAL C   OXT  sing N N 303 
VAL CB  CG1  sing N N 304 
VAL CB  CG2  sing N N 305 
VAL CB  HB   sing N N 306 
VAL CG1 HG11 sing N N 307 
VAL CG1 HG12 sing N N 308 
VAL CG1 HG13 sing N N 309 
VAL CG2 HG21 sing N N 310 
VAL CG2 HG22 sing N N 311 
VAL CG2 HG23 sing N N 312 
VAL OXT HXT  sing N N 313 
# 
_pdbx_nmr_spectrometer.spectrometer_id   1 
_pdbx_nmr_spectrometer.model             AMX600 
_pdbx_nmr_spectrometer.manufacturer      Bruker 
_pdbx_nmr_spectrometer.field_strength    600 
# 
_atom_sites.entry_id                    1VPC 
_atom_sites.fract_transf_matrix[1][1]   1.000000 
_atom_sites.fract_transf_matrix[1][2]   0.000000 
_atom_sites.fract_transf_matrix[1][3]   0.000000 
_atom_sites.fract_transf_matrix[2][1]   0.000000 
_atom_sites.fract_transf_matrix[2][2]   1.000000 
_atom_sites.fract_transf_matrix[2][3]   0.000000 
_atom_sites.fract_transf_matrix[3][1]   0.000000 
_atom_sites.fract_transf_matrix[3][2]   0.000000 
_atom_sites.fract_transf_matrix[3][3]   1.000000 
_atom_sites.fract_transf_vector[1]      0.00000 
_atom_sites.fract_transf_vector[2]      0.00000 
_atom_sites.fract_transf_vector[3]      0.00000 
# 
loop_
_atom_type.symbol 
C 
H 
N 
O 
S 
# 
loop_
_atom_site.group_PDB 
_atom_site.id 
_atom_site.type_symbol 
_atom_site.label_atom_id 
_atom_site.label_alt_id 
_atom_site.label_comp_id 
_atom_site.label_asym_id 
_atom_site.label_entity_id 
_atom_site.label_seq_id 
_atom_site.pdbx_PDB_ins_code 
_atom_site.Cartn_x 
_atom_site.Cartn_y 
_atom_site.Cartn_z 
_atom_site.occupancy 
_atom_site.B_iso_or_equiv 
_atom_site.pdbx_formal_charge 
_atom_site.auth_seq_id 
_atom_site.auth_comp_id 
_atom_site.auth_asym_id 
_atom_site.auth_atom_id 
_atom_site.pdbx_PDB_model_num 
ATOM 1   N N    . ASP A 1 1  ? -26.071 6.957   20.354  1.00 0.00 ? 52 ASP A N    1 
ATOM 2   C CA   . ASP A 1 1  ? -24.807 6.445   19.779  1.00 0.00 ? 52 ASP A CA   1 
ATOM 3   C C    . ASP A 1 1  ? -24.154 5.391   20.728  1.00 0.00 ? 52 ASP A C    1 
ATOM 4   O O    . ASP A 1 1  ? -24.423 5.338   21.934  1.00 0.00 ? 52 ASP A O    1 
ATOM 5   C CB   . ASP A 1 1  ? -23.880 7.649   19.497  1.00 0.00 ? 52 ASP A CB   1 
ATOM 6   C CG   . ASP A 1 1  ? -22.760 7.343   18.494  1.00 0.00 ? 52 ASP A CG   1 
ATOM 7   O OD1  . ASP A 1 1  ? -23.043 7.282   17.278  1.00 0.00 ? 52 ASP A OD1  1 
ATOM 8   O OD2  . ASP A 1 1  ? -21.603 7.145   18.918  1.00 0.00 ? 52 ASP A OD2  1 
ATOM 9   H H1   . ASP A 1 1  ? -26.747 6.202   20.521  1.00 0.00 ? 52 ASP A H1   1 
ATOM 10  H H2   . ASP A 1 1  ? -25.914 7.426   21.253  1.00 0.00 ? 52 ASP A H2   1 
ATOM 11  H H3   . ASP A 1 1  ? -26.516 7.637   19.727  1.00 0.00 ? 52 ASP A H3   1 
ATOM 12  H HA   . ASP A 1 1  ? -25.068 5.946   18.823  1.00 0.00 ? 52 ASP A HA   1 
ATOM 13  H HB2  . ASP A 1 1  ? -24.454 8.495   19.073  1.00 0.00 ? 52 ASP A HB2  1 
ATOM 14  H HB3  . ASP A 1 1  ? -23.438 8.040   20.434  1.00 0.00 ? 52 ASP A HB3  1 
ATOM 15  N N    . THR A 1 2  ? -23.315 4.533   20.138  1.00 0.00 ? 53 THR A N    1 
ATOM 16  C CA   . THR A 1 2  ? -22.436 3.607   20.871  1.00 0.00 ? 53 THR A CA   1 
ATOM 17  C C    . THR A 1 2  ? -21.083 3.676   20.044  1.00 0.00 ? 53 THR A C    1 
ATOM 18  O O    . THR A 1 2  ? -20.852 3.041   19.011  1.00 0.00 ? 53 THR A O    1 
ATOM 19  C CB   . THR A 1 2  ? -22.944 2.163   20.879  1.00 0.00 ? 53 THR A CB   1 
ATOM 20  O OG1  . THR A 1 2  ? -24.306 2.063   21.277  1.00 0.00 ? 53 THR A OG1  1 
ATOM 21  C CG2  . THR A 1 2  ? -22.108 1.298   21.817  1.00 0.00 ? 53 THR A CG2  1 
ATOM 22  H H    . THR A 1 2  ? -23.033 4.772   19.189  1.00 0.00 ? 53 THR A H    1 
ATOM 23  H HA   . THR A 1 2  ? -22.333 3.929   21.934  1.00 0.00 ? 53 THR A HA   1 
ATOM 24  H HB   . THR A 1 2  ? -22.810 1.834   19.848  1.00 0.00 ? 53 THR A HB   1 
ATOM 25  H HG1  . THR A 1 2  ? -24.517 1.127   21.263  1.00 0.00 ? 53 THR A HG1  1 
ATOM 26  H HG21 . THR A 1 2  ? -22.138 1.691   22.850  1.00 0.00 ? 53 THR A HG21 1 
ATOM 27  H HG22 . THR A 1 2  ? -22.464 0.258   21.824  1.00 0.00 ? 53 THR A HG22 1 
ATOM 28  H HG23 . THR A 1 2  ? -21.051 1.290   21.496  1.00 0.00 ? 53 THR A HG23 1 
ATOM 29  N N    . TRP A 1 3  ? -20.260 4.506   20.622  1.00 0.00 ? 54 TRP A N    1 
ATOM 30  C CA   . TRP A 1 3  ? -19.000 5.033   20.044  1.00 0.00 ? 54 TRP A CA   1 
ATOM 31  C C    . TRP A 1 3  ? -17.772 4.100   19.922  1.00 0.00 ? 54 TRP A C    1 
ATOM 32  O O    . TRP A 1 3  ? -16.909 4.332   19.080  1.00 0.00 ? 54 TRP A O    1 
ATOM 33  C CB   . TRP A 1 3  ? -18.800 6.352   20.801  1.00 0.00 ? 54 TRP A CB   1 
ATOM 34  C CG   . TRP A 1 3  ? -17.449 7.061   20.785  1.00 0.00 ? 54 TRP A CG   1 
ATOM 35  C CD1  . TRP A 1 3  ? -16.531 7.133   21.843  1.00 0.00 ? 54 TRP A CD1  1 
ATOM 36  C CD2  . TRP A 1 3  ? -16.837 7.647   19.715  1.00 0.00 ? 54 TRP A CD2  1 
ATOM 37  N NE1  . TRP A 1 3  ? -15.343 7.779   21.450  1.00 0.00 ? 54 TRP A NE1  1 
ATOM 38  C CE2  . TRP A 1 3  ? -15.549 8.073   20.106  1.00 0.00 ? 54 TRP A CE2  1 
ATOM 39  C CE3  . TRP A 1 3  ? -17.269 7.731   18.378  1.00 0.00 ? 54 TRP A CE3  1 
ATOM 40  C CZ2  . TRP A 1 3  ? -14.659 8.594   19.115  1.00 0.00 ? 54 TRP A CZ2  1 
ATOM 41  C CZ3  . TRP A 1 3  ? -16.401 8.245   17.427  1.00 0.00 ? 54 TRP A CZ3  1 
ATOM 42  C CH2  . TRP A 1 3  ? -15.102 8.676   17.792  1.00 0.00 ? 54 TRP A CH2  1 
ATOM 43  H H    . TRP A 1 3  ? -20.842 4.952   21.314  1.00 0.00 ? 54 TRP A H    1 
ATOM 44  H HA   . TRP A 1 3  ? -19.232 5.245   19.010  1.00 0.00 ? 54 TRP A HA   1 
ATOM 45  H HB2  . TRP A 1 3  ? -19.583 7.056   20.473  1.00 0.00 ? 54 TRP A HB2  1 
ATOM 46  H HB3  . TRP A 1 3  ? -19.029 6.241   21.852  1.00 0.00 ? 54 TRP A HB3  1 
ATOM 47  H HD1  . TRP A 1 3  ? -16.729 6.658   22.794  1.00 0.00 ? 54 TRP A HD1  1 
ATOM 48  H HE1  . TRP A 1 3  ? -14.465 7.848   21.977  1.00 0.00 ? 54 TRP A HE1  1 
ATOM 49  H HE3  . TRP A 1 3  ? -18.263 7.327   18.208  1.00 0.00 ? 54 TRP A HE3  1 
ATOM 50  H HZ2  . TRP A 1 3  ? -13.650 8.893   19.377  1.00 0.00 ? 54 TRP A HZ2  1 
ATOM 51  H HZ3  . TRP A 1 3  ? -16.689 8.306   16.386  1.00 0.00 ? 54 TRP A HZ3  1 
ATOM 52  H HH2  . TRP A 1 3  ? -14.442 9.054   17.020  1.00 0.00 ? 54 TRP A HH2  1 
ATOM 53  N N    . THR A 1 4  ? -17.775 3.058   20.730  1.00 0.00 ? 55 THR A N    1 
ATOM 54  C CA   . THR A 1 4  ? -16.843 1.910   20.644  1.00 0.00 ? 55 THR A CA   1 
ATOM 55  C C    . THR A 1 4  ? -16.982 1.052   19.339  1.00 0.00 ? 55 THR A C    1 
ATOM 56  O O    . THR A 1 4  ? -15.956 0.602   18.832  1.00 0.00 ? 55 THR A O    1 
ATOM 57  C CB   . THR A 1 4  ? -16.879 1.074   21.949  1.00 0.00 ? 55 THR A CB   1 
ATOM 58  O OG1  . THR A 1 4  ? -15.830 0.106   21.916  1.00 0.00 ? 55 THR A OG1  1 
ATOM 59  C CG2  . THR A 1 4  ? -18.171 0.334   22.246  1.00 0.00 ? 55 THR A CG2  1 
ATOM 60  H H    . THR A 1 4  ? -18.708 3.120   21.132  1.00 0.00 ? 55 THR A H    1 
ATOM 61  H HA   . THR A 1 4  ? -15.828 2.324   20.640  1.00 0.00 ? 55 THR A HA   1 
ATOM 62  H HB   . THR A 1 4  ? -16.662 1.762   22.791  1.00 0.00 ? 55 THR A HB   1 
ATOM 63  H HG1  . THR A 1 4  ? -15.898 -0.385  22.738  1.00 0.00 ? 55 THR A HG1  1 
ATOM 64  H HG21 . THR A 1 4  ? -18.434 -0.379  21.444  1.00 0.00 ? 55 THR A HG21 1 
ATOM 65  H HG22 . THR A 1 4  ? -18.080 -0.235  23.186  1.00 0.00 ? 55 THR A HG22 1 
ATOM 66  H HG23 . THR A 1 4  ? -19.011 1.037   22.367  1.00 0.00 ? 55 THR A HG23 1 
ATOM 67  N N    . GLY A 1 5  ? -18.202 0.859   18.802  1.00 0.00 ? 56 GLY A N    1 
ATOM 68  C CA   . GLY A 1 5  ? -18.415 0.276   17.456  1.00 0.00 ? 56 GLY A CA   1 
ATOM 69  C C    . GLY A 1 5  ? -17.979 1.151   16.254  1.00 0.00 ? 56 GLY A C    1 
ATOM 70  O O    . GLY A 1 5  ? -17.371 0.636   15.319  1.00 0.00 ? 56 GLY A O    1 
ATOM 71  H H    . GLY A 1 5  ? -18.950 1.327   19.323  1.00 0.00 ? 56 GLY A H    1 
ATOM 72  H HA2  . GLY A 1 5  ? -17.912 -0.709  17.397  1.00 0.00 ? 56 GLY A HA2  1 
ATOM 73  H HA3  . GLY A 1 5  ? -19.490 0.049   17.342  1.00 0.00 ? 56 GLY A HA3  1 
ATOM 74  N N    . VAL A 1 6  ? -18.273 2.456   16.297  1.00 0.00 ? 57 VAL A N    1 
ATOM 75  C CA   . VAL A 1 6  ? -17.736 3.482   15.342  1.00 0.00 ? 57 VAL A CA   1 
ATOM 76  C C    . VAL A 1 6  ? -16.166 3.557   15.328  1.00 0.00 ? 57 VAL A C    1 
ATOM 77  O O    . VAL A 1 6  ? -15.554 3.554   14.259  1.00 0.00 ? 57 VAL A O    1 
ATOM 78  C CB   . VAL A 1 6  ? -18.275 4.925   15.688  1.00 0.00 ? 57 VAL A CB   1 
ATOM 79  C CG1  . VAL A 1 6  ? -18.098 5.910   14.513  1.00 0.00 ? 57 VAL A CG1  1 
ATOM 80  C CG2  . VAL A 1 6  ? -19.735 4.988   16.150  1.00 0.00 ? 57 VAL A CG2  1 
ATOM 81  H H    . VAL A 1 6  ? -18.804 2.729   17.131  1.00 0.00 ? 57 VAL A H    1 
ATOM 82  H HA   . VAL A 1 6  ? -18.045 3.195   14.318  1.00 0.00 ? 57 VAL A HA   1 
ATOM 83  H HB   . VAL A 1 6  ? -17.689 5.328   16.543  1.00 0.00 ? 57 VAL A HB   1 
ATOM 84  H HG11 . VAL A 1 6  ? -17.041 6.000   14.206  1.00 0.00 ? 57 VAL A HG11 1 
ATOM 85  H HG12 . VAL A 1 6  ? -18.677 5.605   13.623  1.00 0.00 ? 57 VAL A HG12 1 
ATOM 86  H HG13 . VAL A 1 6  ? -18.428 6.928   14.793  1.00 0.00 ? 57 VAL A HG13 1 
ATOM 87  H HG21 . VAL A 1 6  ? -19.879 4.381   17.059  1.00 0.00 ? 57 VAL A HG21 1 
ATOM 88  H HG22 . VAL A 1 6  ? -20.008 6.021   16.426  1.00 0.00 ? 57 VAL A HG22 1 
ATOM 89  H HG23 . VAL A 1 6  ? -20.429 4.606   15.384  1.00 0.00 ? 57 VAL A HG23 1 
ATOM 90  N N    . GLU A 1 7  ? -15.582 3.606   16.532  1.00 0.00 ? 58 GLU A N    1 
ATOM 91  C CA   . GLU A 1 7  ? -14.131 3.467   16.765  1.00 0.00 ? 58 GLU A CA   1 
ATOM 92  C C    . GLU A 1 7  ? -13.518 2.159   16.190  1.00 0.00 ? 58 GLU A C    1 
ATOM 93  O O    . GLU A 1 7  ? -12.541 2.235   15.453  1.00 0.00 ? 58 GLU A O    1 
ATOM 94  C CB   . GLU A 1 7  ? -13.887 3.545   18.293  1.00 0.00 ? 58 GLU A CB   1 
ATOM 95  C CG   . GLU A 1 7  ? -13.788 4.971   18.850  1.00 0.00 ? 58 GLU A CG   1 
ATOM 96  C CD   . GLU A 1 7  ? -13.475 4.955   20.346  1.00 0.00 ? 58 GLU A CD   1 
ATOM 97  O OE1  . GLU A 1 7  ? -14.374 4.627   21.152  1.00 0.00 ? 58 GLU A OE1  1 
ATOM 98  O OE2  . GLU A 1 7  ? -12.320 5.255   20.723  1.00 0.00 ? 58 GLU A OE2  1 
ATOM 99  H H    . GLU A 1 7  ? -16.275 3.454   17.277  1.00 0.00 ? 58 GLU A H    1 
ATOM 100 H HA   . GLU A 1 7  ? -13.617 4.302   16.252  1.00 0.00 ? 58 GLU A HA   1 
ATOM 101 H HB2  . GLU A 1 7  ? -14.684 2.997   18.847  1.00 0.00 ? 58 GLU A HB2  1 
ATOM 102 H HB3  . GLU A 1 7  ? -12.957 3.014   18.546  1.00 0.00 ? 58 GLU A HB3  1 
ATOM 103 H HG2  . GLU A 1 7  ? -13.008 5.551   18.323  1.00 0.00 ? 58 GLU A HG2  1 
ATOM 104 H HG3  . GLU A 1 7  ? -14.737 5.508   18.677  1.00 0.00 ? 58 GLU A HG3  1 
ATOM 105 N N    . ALA A 1 8  ? -14.124 1.004   16.482  1.00 0.00 ? 59 ALA A N    1 
ATOM 106 C CA   . ALA A 1 8  ? -13.774 -0.292  15.868  1.00 0.00 ? 59 ALA A CA   1 
ATOM 107 C C    . ALA A 1 8  ? -13.813 -0.368  14.317  1.00 0.00 ? 59 ALA A C    1 
ATOM 108 O O    . ALA A 1 8  ? -12.956 -1.046  13.747  1.00 0.00 ? 59 ALA A O    1 
ATOM 109 C CB   . ALA A 1 8  ? -14.765 -1.282  16.492  1.00 0.00 ? 59 ALA A CB   1 
ATOM 110 H H    . ALA A 1 8  ? -15.016 1.124   16.974  1.00 0.00 ? 59 ALA A H    1 
ATOM 111 H HA   . ALA A 1 8  ? -12.754 -0.572  16.196  1.00 0.00 ? 59 ALA A HA   1 
ATOM 112 H HB1  . ALA A 1 8  ? -14.689 -1.279  17.595  1.00 0.00 ? 59 ALA A HB1  1 
ATOM 113 H HB2  . ALA A 1 8  ? -15.812 -1.022  16.248  1.00 0.00 ? 59 ALA A HB2  1 
ATOM 114 H HB3  . ALA A 1 8  ? -14.596 -2.313  16.149  1.00 0.00 ? 59 ALA A HB3  1 
ATOM 115 N N    . LEU A 1 9  ? -14.739 0.349   13.645  1.00 0.00 ? 60 LEU A N    1 
ATOM 116 C CA   . LEU A 1 9  ? -14.711 0.510   12.168  1.00 0.00 ? 60 LEU A CA   1 
ATOM 117 C C    . LEU A 1 9  ? -13.475 1.313   11.654  1.00 0.00 ? 60 LEU A C    1 
ATOM 118 O O    . LEU A 1 9  ? -12.843 0.842   10.705  1.00 0.00 ? 60 LEU A O    1 
ATOM 119 C CB   . LEU A 1 9  ? -16.012 1.185   11.654  1.00 0.00 ? 60 LEU A CB   1 
ATOM 120 C CG   . LEU A 1 9  ? -17.318 0.382   11.862  1.00 0.00 ? 60 LEU A CG   1 
ATOM 121 C CD1  . LEU A 1 9  ? -18.536 1.279   11.571  1.00 0.00 ? 60 LEU A CD1  1 
ATOM 122 C CD2  . LEU A 1 9  ? -17.392 -0.880  10.992  1.00 0.00 ? 60 LEU A CD2  1 
ATOM 123 H H    . LEU A 1 9  ? -15.357 0.916   14.243  1.00 0.00 ? 60 LEU A H    1 
ATOM 124 H HA   . LEU A 1 9  ? -14.634 -0.495  11.715  1.00 0.00 ? 60 LEU A HA   1 
ATOM 125 H HB2  . LEU A 1 9  ? -16.115 2.177   12.138  1.00 0.00 ? 60 LEU A HB2  1 
ATOM 126 H HB3  . LEU A 1 9  ? -15.904 1.412   10.573  1.00 0.00 ? 60 LEU A HB3  1 
ATOM 127 H HG   . LEU A 1 9  ? -17.377 0.076   12.923  1.00 0.00 ? 60 LEU A HG   1 
ATOM 128 H HD11 . LEU A 1 9  ? -18.546 2.177   12.217  1.00 0.00 ? 60 LEU A HD11 1 
ATOM 129 H HD12 . LEU A 1 9  ? -18.561 1.631   10.523  1.00 0.00 ? 60 LEU A HD12 1 
ATOM 130 H HD13 . LEU A 1 9  ? -19.486 0.748   11.761  1.00 0.00 ? 60 LEU A HD13 1 
ATOM 131 H HD21 . LEU A 1 9  ? -17.319 -0.655  9.912   1.00 0.00 ? 60 LEU A HD21 1 
ATOM 132 H HD22 . LEU A 1 9  ? -16.585 -1.596  11.229  1.00 0.00 ? 60 LEU A HD22 1 
ATOM 133 H HD23 . LEU A 1 9  ? -18.342 -1.423  11.149  1.00 0.00 ? 60 LEU A HD23 1 
ATOM 134 N N    . ILE A 1 10 ? -13.108 2.457   12.271  1.00 0.00 ? 61 ILE A N    1 
ATOM 135 C CA   . ILE A 1 10 ? -11.873 3.199   11.880  1.00 0.00 ? 61 ILE A CA   1 
ATOM 136 C C    . ILE A 1 10 ? -10.525 2.502   12.283  1.00 0.00 ? 61 ILE A C    1 
ATOM 137 O O    . ILE A 1 10 ? -9.533  2.756   11.597  1.00 0.00 ? 61 ILE A O    1 
ATOM 138 C CB   . ILE A 1 10 ? -11.864 4.721   12.303  1.00 0.00 ? 61 ILE A CB   1 
ATOM 139 C CG1  . ILE A 1 10 ? -12.196 4.921   13.786  1.00 0.00 ? 61 ILE A CG1  1 
ATOM 140 C CG2  . ILE A 1 10 ? -12.847 5.513   11.401  1.00 0.00 ? 61 ILE A CG2  1 
ATOM 141 C CD1  . ILE A 1 10 ? -11.968 6.314   14.356  1.00 0.00 ? 61 ILE A CD1  1 
ATOM 142 H H    . ILE A 1 10 ? -13.685 2.736   13.079  1.00 0.00 ? 61 ILE A H    1 
ATOM 143 H HA   . ILE A 1 10 ? -11.861 3.237   10.788  1.00 0.00 ? 61 ILE A HA   1 
ATOM 144 H HB   . ILE A 1 10 ? -10.850 5.123   12.096  1.00 0.00 ? 61 ILE A HB   1 
ATOM 145 H HG12 . ILE A 1 10 ? -13.242 4.605   13.915  1.00 0.00 ? 61 ILE A HG12 1 
ATOM 146 H HG13 . ILE A 1 10 ? -11.611 4.201   14.382  1.00 0.00 ? 61 ILE A HG13 1 
ATOM 147 H HG21 . ILE A 1 10 ? -12.602 5.391   10.330  1.00 0.00 ? 61 ILE A HG21 1 
ATOM 148 H HG22 . ILE A 1 10 ? -13.897 5.192   11.537  1.00 0.00 ? 61 ILE A HG22 1 
ATOM 149 H HG23 . ILE A 1 10 ? -12.807 6.599   11.604  1.00 0.00 ? 61 ILE A HG23 1 
ATOM 150 H HD11 . ILE A 1 10 ? -10.920 6.642   14.240  1.00 0.00 ? 61 ILE A HD11 1 
ATOM 151 H HD12 . ILE A 1 10 ? -12.609 7.080   13.883  1.00 0.00 ? 61 ILE A HD12 1 
ATOM 152 H HD13 . ILE A 1 10 ? -12.196 6.331   15.437  1.00 0.00 ? 61 ILE A HD13 1 
ATOM 153 N N    . ARG A 1 11 ? -10.482 1.614   13.301  1.00 0.00 ? 62 ARG A N    1 
ATOM 154 C CA   . ARG A 1 11 ? -9.286  0.766   13.576  1.00 0.00 ? 62 ARG A CA   1 
ATOM 155 C C    . ARG A 1 11 ? -9.014  -0.326  12.486  1.00 0.00 ? 62 ARG A C    1 
ATOM 156 O O    . ARG A 1 11 ? -7.845  -0.554  12.173  1.00 0.00 ? 62 ARG A O    1 
ATOM 157 C CB   . ARG A 1 11 ? -9.345  0.052   14.959  1.00 0.00 ? 62 ARG A CB   1 
ATOM 158 C CG   . ARG A 1 11 ? -9.648  0.965   16.156  1.00 0.00 ? 62 ARG A CG   1 
ATOM 159 C CD   . ARG A 1 11 ? -9.065  0.481   17.487  1.00 0.00 ? 62 ARG A CD   1 
ATOM 160 N NE   . ARG A 1 11 ? -9.418  1.411   18.589  1.00 0.00 ? 62 ARG A NE   1 
ATOM 161 C CZ   . ARG A 1 11 ? -10.552 1.366   19.312  1.00 0.00 ? 62 ARG A CZ   1 
ATOM 162 N NH1  . ARG A 1 11 ? -11.503 0.457   19.147  1.00 0.00 ? 62 ARG A NH1  1 
ATOM 163 N NH2  . ARG A 1 11 ? -10.732 2.283   20.235  1.00 0.00 ? 62 ARG A NH2  1 
ATOM 164 H H    . ARG A 1 11 ? -11.354 1.515   13.836  1.00 0.00 ? 62 ARG A H    1 
ATOM 165 H HA   . ARG A 1 11 ? -8.399  1.430   13.568  1.00 0.00 ? 62 ARG A HA   1 
ATOM 166 H HB2  . ARG A 1 11 ? -10.091 -0.767  14.939  1.00 0.00 ? 62 ARG A HB2  1 
ATOM 167 H HB3  . ARG A 1 11 ? -8.368  -0.452  15.106  1.00 0.00 ? 62 ARG A HB3  1 
ATOM 168 H HG2  . ARG A 1 11 ? -9.334  2.002   15.936  1.00 0.00 ? 62 ARG A HG2  1 
ATOM 169 H HG3  . ARG A 1 11 ? -10.741 1.015   16.263  1.00 0.00 ? 62 ARG A HG3  1 
ATOM 170 H HD2  . ARG A 1 11 ? -9.390  -0.553  17.716  1.00 0.00 ? 62 ARG A HD2  1 
ATOM 171 H HD3  . ARG A 1 11 ? -7.961  0.429   17.421  1.00 0.00 ? 62 ARG A HD3  1 
ATOM 172 H HE   . ARG A 1 11 ? -8.800  2.187   18.850  1.00 0.00 ? 62 ARG A HE   1 
ATOM 173 H HH11 . ARG A 1 11 ? -11.338 -0.239  18.413  1.00 0.00 ? 62 ARG A HH11 1 
ATOM 174 H HH12 . ARG A 1 11 ? -12.328 0.532   19.751  1.00 0.00 ? 62 ARG A HH12 1 
ATOM 175 H HH21 . ARG A 1 11 ? -9.998  2.992   20.334  1.00 0.00 ? 62 ARG A HH21 1 
ATOM 176 H HH22 . ARG A 1 11 ? -11.614 2.253   20.756  1.00 0.00 ? 62 ARG A HH22 1 
ATOM 177 N N    . ILE A 1 12 ? -10.052 -0.961  11.908  1.00 0.00 ? 63 ILE A N    1 
ATOM 178 C CA   . ILE A 1 12 ? -9.890  -1.837  10.711  1.00 0.00 ? 63 ILE A CA   1 
ATOM 179 C C    . ILE A 1 12 ? -9.476  -1.017  9.433   1.00 0.00 ? 63 ILE A C    1 
ATOM 180 O O    . ILE A 1 12 ? -8.605  -1.485  8.702   1.00 0.00 ? 63 ILE A O    1 
ATOM 181 C CB   . ILE A 1 12 ? -11.188 -2.682  10.475  1.00 0.00 ? 63 ILE A CB   1 
ATOM 182 C CG1  . ILE A 1 12 ? -11.577 -3.604  11.672  1.00 0.00 ? 63 ILE A CG1  1 
ATOM 183 C CG2  . ILE A 1 12 ? -11.078 -3.556  9.198   1.00 0.00 ? 63 ILE A CG2  1 
ATOM 184 C CD1  . ILE A 1 12 ? -10.560 -4.645  12.129  1.00 0.00 ? 63 ILE A CD1  1 
ATOM 185 H H    . ILE A 1 12 ? -10.980 -0.660  12.230  1.00 0.00 ? 63 ILE A H    1 
ATOM 186 H HA   . ILE A 1 12 ? -9.062  -2.540  10.902  1.00 0.00 ? 63 ILE A HA   1 
ATOM 187 H HB   . ILE A 1 12 ? -12.041 -1.983  10.340  1.00 0.00 ? 63 ILE A HB   1 
ATOM 188 H HG12 . ILE A 1 12 ? -11.838 -2.972  12.541  1.00 0.00 ? 63 ILE A HG12 1 
ATOM 189 H HG13 . ILE A 1 12 ? -12.528 -4.115  11.424  1.00 0.00 ? 63 ILE A HG13 1 
ATOM 190 H HG21 . ILE A 1 12 ? -10.176 -4.196  9.212   1.00 0.00 ? 63 ILE A HG21 1 
ATOM 191 H HG22 . ILE A 1 12 ? -11.957 -4.209  9.068   1.00 0.00 ? 63 ILE A HG22 1 
ATOM 192 H HG23 . ILE A 1 12 ? -11.010 -2.935  8.285   1.00 0.00 ? 63 ILE A HG23 1 
ATOM 193 H HD11 . ILE A 1 12 ? -10.296 -5.363  11.334  1.00 0.00 ? 63 ILE A HD11 1 
ATOM 194 H HD12 . ILE A 1 12 ? -9.622  -4.188  12.489  1.00 0.00 ? 63 ILE A HD12 1 
ATOM 195 H HD13 . ILE A 1 12 ? -10.971 -5.235  12.970  1.00 0.00 ? 63 ILE A HD13 1 
ATOM 196 N N    . LEU A 1 13 ? -10.076 0.160   9.181   1.00 0.00 ? 64 LEU A N    1 
ATOM 197 C CA   . LEU A 1 13 ? -9.719  1.017   8.022   1.00 0.00 ? 64 LEU A CA   1 
ATOM 198 C C    . LEU A 1 13 ? -8.254  1.561   8.014   1.00 0.00 ? 64 LEU A C    1 
ATOM 199 O O    . LEU A 1 13 ? -7.651  1.570   6.937   1.00 0.00 ? 64 LEU A O    1 
ATOM 200 C CB   . LEU A 1 13 ? -10.712 2.203   7.896   1.00 0.00 ? 64 LEU A CB   1 
ATOM 201 C CG   . LEU A 1 13 ? -12.164 1.833   7.499   1.00 0.00 ? 64 LEU A CG   1 
ATOM 202 C CD1  . LEU A 1 13 ? -13.090 3.046   7.709   1.00 0.00 ? 64 LEU A CD1  1 
ATOM 203 C CD2  . LEU A 1 13 ? -12.275 1.351   6.044   1.00 0.00 ? 64 LEU A CD2  1 
ATOM 204 H H    . LEU A 1 13 ? -10.775 0.419   9.885   1.00 0.00 ? 64 LEU A H    1 
ATOM 205 H HA   . LEU A 1 13 ? -9.786  0.389   7.121   1.00 0.00 ? 64 LEU A HA   1 
ATOM 206 H HB2  . LEU A 1 13 ? -10.716 2.761   8.852   1.00 0.00 ? 64 LEU A HB2  1 
ATOM 207 H HB3  . LEU A 1 13 ? -10.327 2.933   7.154   1.00 0.00 ? 64 LEU A HB3  1 
ATOM 208 H HG   . LEU A 1 13 ? -12.535 1.025   8.157   1.00 0.00 ? 64 LEU A HG   1 
ATOM 209 H HD11 . LEU A 1 13 ? -13.095 3.377   8.762   1.00 0.00 ? 64 LEU A HD11 1 
ATOM 210 H HD12 . LEU A 1 13 ? -12.795 3.916   7.093   1.00 0.00 ? 64 LEU A HD12 1 
ATOM 211 H HD13 . LEU A 1 13 ? -14.139 2.805   7.454   1.00 0.00 ? 64 LEU A HD13 1 
ATOM 212 H HD21 . LEU A 1 13 ? -11.919 2.105   5.319   1.00 0.00 ? 64 LEU A HD21 1 
ATOM 213 H HD22 . LEU A 1 13 ? -11.693 0.428   5.866   1.00 0.00 ? 64 LEU A HD22 1 
ATOM 214 H HD23 . LEU A 1 13 ? -13.321 1.111   5.779   1.00 0.00 ? 64 LEU A HD23 1 
ATOM 215 N N    . GLN A 1 14 ? -7.680  1.959   9.164   1.00 0.00 ? 65 GLN A N    1 
ATOM 216 C CA   . GLN A 1 14 ? -6.226  2.271   9.255   1.00 0.00 ? 65 GLN A CA   1 
ATOM 217 C C    . GLN A 1 14 ? -5.282  1.029   9.191   1.00 0.00 ? 65 GLN A C    1 
ATOM 218 O O    . GLN A 1 14 ? -4.184  1.166   8.651   1.00 0.00 ? 65 GLN A O    1 
ATOM 219 C CB   . GLN A 1 14 ? -5.986  3.164   10.495  1.00 0.00 ? 65 GLN A CB   1 
ATOM 220 C CG   . GLN A 1 14 ? -6.243  2.555   11.880  1.00 0.00 ? 65 GLN A CG   1 
ATOM 221 C CD   . GLN A 1 14 ? -5.004  2.037   12.602  1.00 0.00 ? 65 GLN A CD   1 
ATOM 222 O OE1  . GLN A 1 14 ? -4.613  0.881   12.470  1.00 0.00 ? 65 GLN A OE1  1 
ATOM 223 N NE2  . GLN A 1 14 ? -4.356  2.869   13.397  1.00 0.00 ? 65 GLN A NE2  1 
ATOM 224 H H    . GLN A 1 14 ? -8.241  1.827   10.017  1.00 0.00 ? 65 GLN A H    1 
ATOM 225 H HA   . GLN A 1 14 ? -5.961  2.904   8.385   1.00 0.00 ? 65 GLN A HA   1 
ATOM 226 H HB2  . GLN A 1 14 ? -4.973  3.609   10.434  1.00 0.00 ? 65 GLN A HB2  1 
ATOM 227 H HB3  . GLN A 1 14 ? -6.662  4.038   10.390  1.00 0.00 ? 65 GLN A HB3  1 
ATOM 228 H HG2  . GLN A 1 14 ? -6.757  3.311   12.506  1.00 0.00 ? 65 GLN A HG2  1 
ATOM 229 H HG3  . GLN A 1 14 ? -6.985  1.741   11.779  1.00 0.00 ? 65 GLN A HG3  1 
ATOM 230 H HE21 . GLN A 1 14 ? -4.723  3.824   13.461  1.00 0.00 ? 65 GLN A HE21 1 
ATOM 231 H HE22 . GLN A 1 14 ? -3.531  2.487   13.869  1.00 0.00 ? 65 GLN A HE22 1 
ATOM 232 N N    . GLN A 1 15 ? -5.710  -0.153  9.677   1.00 0.00 ? 66 GLN A N    1 
ATOM 233 C CA   . GLN A 1 15 ? -4.988  -1.441  9.489   1.00 0.00 ? 66 GLN A CA   1 
ATOM 234 C C    . GLN A 1 15 ? -4.895  -1.917  8.006   1.00 0.00 ? 66 GLN A C    1 
ATOM 235 O O    . GLN A 1 15 ? -3.803  -2.276  7.582   1.00 0.00 ? 66 GLN A O    1 
ATOM 236 C CB   . GLN A 1 15 ? -5.699  -2.507  10.366  1.00 0.00 ? 66 GLN A CB   1 
ATOM 237 C CG   . GLN A 1 15 ? -5.184  -2.561  11.814  1.00 0.00 ? 66 GLN A CG   1 
ATOM 238 C CD   . GLN A 1 15 ? -5.876  -3.634  12.651  1.00 0.00 ? 66 GLN A CD   1 
ATOM 239 O OE1  . GLN A 1 15 ? -5.508  -4.807  12.617  1.00 0.00 ? 66 GLN A OE1  1 
ATOM 240 N NE2  . GLN A 1 15 ? -6.885  -3.274  13.422  1.00 0.00 ? 66 GLN A NE2  1 
ATOM 241 H H    . GLN A 1 15 ? -6.685  -0.148  10.000  1.00 0.00 ? 66 GLN A H    1 
ATOM 242 H HA   . GLN A 1 15 ? -3.948  -1.315  9.851   1.00 0.00 ? 66 GLN A HA   1 
ATOM 243 H HB2  . GLN A 1 15 ? -6.773  -2.304  10.371  1.00 0.00 ? 66 GLN A HB2  1 
ATOM 244 H HB3  . GLN A 1 15 ? -5.674  -3.517  9.924   1.00 0.00 ? 66 GLN A HB3  1 
ATOM 245 H HG2  . GLN A 1 15 ? -4.096  -2.761  11.820  1.00 0.00 ? 66 GLN A HG2  1 
ATOM 246 H HG3  . GLN A 1 15 ? -5.297  -1.565  12.284  1.00 0.00 ? 66 GLN A HG3  1 
ATOM 247 H HE21 . GLN A 1 15 ? -7.167  -2.289  13.373  1.00 0.00 ? 66 GLN A HE21 1 
ATOM 248 H HE22 . GLN A 1 15 ? -7.328  -4.024  13.963  1.00 0.00 ? 66 GLN A HE22 1 
ATOM 249 N N    . LEU A 1 16 ? -5.992  -1.871  7.233   1.00 0.00 ? 67 LEU A N    1 
ATOM 250 C CA   . LEU A 1 16 ? -5.983  -2.097  5.756   1.00 0.00 ? 67 LEU A CA   1 
ATOM 251 C C    . LEU A 1 16 ? -5.102  -1.101  4.892   1.00 0.00 ? 67 LEU A C    1 
ATOM 252 O O    . LEU A 1 16 ? -4.633  -1.475  3.819   1.00 0.00 ? 67 LEU A O    1 
ATOM 253 C CB   . LEU A 1 16 ? -7.448  -2.015  5.229   1.00 0.00 ? 67 LEU A CB   1 
ATOM 254 C CG   . LEU A 1 16 ? -8.407  -3.142  5.690   1.00 0.00 ? 67 LEU A CG   1 
ATOM 255 C CD1  . LEU A 1 16 ? -9.862  -2.754  5.357   1.00 0.00 ? 67 LEU A CD1  1 
ATOM 256 C CD2  . LEU A 1 16 ? -8.075  -4.499  5.053   1.00 0.00 ? 67 LEU A CD2  1 
ATOM 257 H H    . LEU A 1 16 ? -6.792  -1.460  7.721   1.00 0.00 ? 67 LEU A H    1 
ATOM 258 H HA   . LEU A 1 16 ? -5.595  -3.113  5.557   1.00 0.00 ? 67 LEU A HA   1 
ATOM 259 H HB2  . LEU A 1 16 ? -7.870  -1.030  5.520   1.00 0.00 ? 67 LEU A HB2  1 
ATOM 260 H HB3  . LEU A 1 16 ? -7.446  -1.998  4.119   1.00 0.00 ? 67 LEU A HB3  1 
ATOM 261 H HG   . LEU A 1 16 ? -8.349  -3.257  6.790   1.00 0.00 ? 67 LEU A HG   1 
ATOM 262 H HD11 . LEU A 1 16 ? -10.153 -1.814  5.859   1.00 0.00 ? 67 LEU A HD11 1 
ATOM 263 H HD12 . LEU A 1 16 ? -10.024 -2.614  4.273   1.00 0.00 ? 67 LEU A HD12 1 
ATOM 264 H HD13 . LEU A 1 16 ? -10.575 -3.527  5.699   1.00 0.00 ? 67 LEU A HD13 1 
ATOM 265 H HD21 . LEU A 1 16 ? -8.112  -4.469  3.948   1.00 0.00 ? 67 LEU A HD21 1 
ATOM 266 H HD22 . LEU A 1 16 ? -7.067  -4.855  5.336   1.00 0.00 ? 67 LEU A HD22 1 
ATOM 267 H HD23 . LEU A 1 16 ? -8.782  -5.282  5.382   1.00 0.00 ? 67 LEU A HD23 1 
ATOM 268 N N    . LEU A 1 17 ? -4.904  0.117   5.391   1.00 0.00 ? 68 LEU A N    1 
ATOM 269 C CA   . LEU A 1 17 ? -4.006  1.161   4.844   1.00 0.00 ? 68 LEU A CA   1 
ATOM 270 C C    . LEU A 1 17 ? -2.512  0.866   5.167   1.00 0.00 ? 68 LEU A C    1 
ATOM 271 O O    . LEU A 1 17 ? -1.676  0.907   4.267   1.00 0.00 ? 68 LEU A O    1 
ATOM 272 C CB   . LEU A 1 17 ? -4.469  2.508   5.487   1.00 0.00 ? 68 LEU A CB   1 
ATOM 273 C CG   . LEU A 1 17 ? -5.047  3.544   4.500   1.00 0.00 ? 68 LEU A CG   1 
ATOM 274 C CD1  . LEU A 1 17 ? -5.764  4.668   5.272   1.00 0.00 ? 68 LEU A CD1  1 
ATOM 275 C CD2  . LEU A 1 17 ? -3.974  4.151   3.587   1.00 0.00 ? 68 LEU A CD2  1 
ATOM 276 H H    . LEU A 1 17 ? -5.243  0.208   6.348   1.00 0.00 ? 68 LEU A H    1 
ATOM 277 H HA   . LEU A 1 17 ? -4.143  1.226   3.744   1.00 0.00 ? 68 LEU A HA   1 
ATOM 278 H HB2  . LEU A 1 17 ? -5.216  2.323   6.284   1.00 0.00 ? 68 LEU A HB2  1 
ATOM 279 H HB3  . LEU A 1 17 ? -3.663  2.944   6.092   1.00 0.00 ? 68 LEU A HB3  1 
ATOM 280 H HG   . LEU A 1 17 ? -5.809  3.046   3.868   1.00 0.00 ? 68 LEU A HG   1 
ATOM 281 H HD11 . LEU A 1 17 ? -6.584  4.272   5.900   1.00 0.00 ? 68 LEU A HD11 1 
ATOM 282 H HD12 . LEU A 1 17 ? -5.080  5.223   5.942   1.00 0.00 ? 68 LEU A HD12 1 
ATOM 283 H HD13 . LEU A 1 17 ? -6.219  5.406   4.586   1.00 0.00 ? 68 LEU A HD13 1 
ATOM 284 H HD21 . LEU A 1 17 ? -3.436  3.383   3.001   1.00 0.00 ? 68 LEU A HD21 1 
ATOM 285 H HD22 . LEU A 1 17 ? -4.417  4.851   2.854   1.00 0.00 ? 68 LEU A HD22 1 
ATOM 286 H HD23 . LEU A 1 17 ? -3.214  4.715   4.156   1.00 0.00 ? 68 LEU A HD23 1 
ATOM 287 N N    . PHE A 1 18 ? -2.215  0.563   6.447   1.00 0.00 ? 69 PHE A N    1 
ATOM 288 C CA   . PHE A 1 18 ? -0.921  -0.008  6.904   1.00 0.00 ? 69 PHE A CA   1 
ATOM 289 C C    . PHE A 1 18 ? -0.451  -1.263  6.084   1.00 0.00 ? 69 PHE A C    1 
ATOM 290 O O    . PHE A 1 18 ? 0.691   -1.316  5.631   1.00 0.00 ? 69 PHE A O    1 
ATOM 291 C CB   . PHE A 1 18 ? -1.102  -0.410  8.407   1.00 0.00 ? 69 PHE A CB   1 
ATOM 292 C CG   . PHE A 1 18 ? -0.592  0.609   9.433   1.00 0.00 ? 69 PHE A CG   1 
ATOM 293 C CD1  . PHE A 1 18 ? 0.757   1.015   9.440   1.00 0.00 ? 69 PHE A CD1  1 
ATOM 294 C CD2  . PHE A 1 18 ? -1.445  1.112   10.428  1.00 0.00 ? 69 PHE A CD2  1 
ATOM 295 C CE1  . PHE A 1 18 ? 1.225   1.917   10.397  1.00 0.00 ? 69 PHE A CE1  1 
ATOM 296 C CE2  . PHE A 1 18 ? -0.977  2.014   11.384  1.00 0.00 ? 69 PHE A CE2  1 
ATOM 297 C CZ   . PHE A 1 18 ? 0.357   2.416   11.365  1.00 0.00 ? 69 PHE A CZ   1 
ATOM 298 H H    . PHE A 1 18 ? -3.040  0.598   7.057   1.00 0.00 ? 69 PHE A H    1 
ATOM 299 H HA   . PHE A 1 18 ? -0.140  0.766   6.796   1.00 0.00 ? 69 PHE A HA   1 
ATOM 300 H HB2  . PHE A 1 18 ? -2.165  -0.666  8.609   1.00 0.00 ? 69 PHE A HB2  1 
ATOM 301 H HB3  . PHE A 1 18 ? -0.613  -1.379  8.622   1.00 0.00 ? 69 PHE A HB3  1 
ATOM 302 H HD1  . PHE A 1 18 ? 1.449   0.628   8.702   1.00 0.00 ? 69 PHE A HD1  1 
ATOM 303 H HD2  . PHE A 1 18 ? -2.479  0.794   10.484  1.00 0.00 ? 69 PHE A HD2  1 
ATOM 304 H HE1  . PHE A 1 18 ? 2.263   2.224   10.387  1.00 0.00 ? 69 PHE A HE1  1 
ATOM 305 H HE2  . PHE A 1 18 ? -1.650  2.391   12.142  1.00 0.00 ? 69 PHE A HE2  1 
ATOM 306 H HZ   . PHE A 1 18 ? 0.721   3.113   12.109  1.00 0.00 ? 69 PHE A HZ   1 
ATOM 307 N N    . ILE A 1 19 ? -1.381  -2.202  5.887   1.00 0.00 ? 70 ILE A N    1 
ATOM 308 C CA   . ILE A 1 19 ? -1.267  -3.374  4.980   1.00 0.00 ? 70 ILE A CA   1 
ATOM 309 C C    . ILE A 1 19 ? -0.991  -2.983  3.492   1.00 0.00 ? 70 ILE A C    1 
ATOM 310 O O    . ILE A 1 19 ? -0.087  -3.564  2.890   1.00 0.00 ? 70 ILE A O    1 
ATOM 311 C CB   . ILE A 1 19 ? -2.608  -4.197  5.211   1.00 0.00 ? 70 ILE A CB   1 
ATOM 312 C CG1  . ILE A 1 19 ? -2.524  -4.929  6.598   1.00 0.00 ? 70 ILE A CG1  1 
ATOM 313 C CG2  . ILE A 1 19 ? -2.883  -5.246  4.109   1.00 0.00 ? 70 ILE A CG2  1 
ATOM 314 C CD1  . ILE A 1 19 ? -3.815  -5.589  7.080   1.00 0.00 ? 70 ILE A CD1  1 
ATOM 315 H H    . ILE A 1 19 ? -2.288  -1.922  6.280   1.00 0.00 ? 70 ILE A H    1 
ATOM 316 H HA   . ILE A 1 19 ? -0.409  -3.992  5.310   1.00 0.00 ? 70 ILE A HA   1 
ATOM 317 H HB   . ILE A 1 19 ? -3.458  -3.463  5.239   1.00 0.00 ? 70 ILE A HB   1 
ATOM 318 H HG12 . ILE A 1 19 ? -1.698  -5.659  6.595   1.00 0.00 ? 70 ILE A HG12 1 
ATOM 319 H HG13 . ILE A 1 19 ? -2.225  -4.208  7.383   1.00 0.00 ? 70 ILE A HG13 1 
ATOM 320 H HG21 . ILE A 1 19 ? -2.071  -5.992  4.030   1.00 0.00 ? 70 ILE A HG21 1 
ATOM 321 H HG22 . ILE A 1 19 ? -3.824  -5.797  4.291   1.00 0.00 ? 70 ILE A HG22 1 
ATOM 322 H HG23 . ILE A 1 19 ? -3.001  -4.785  3.113   1.00 0.00 ? 70 ILE A HG23 1 
ATOM 323 H HD11 . ILE A 1 19 ? -4.663  -4.881  7.101   1.00 0.00 ? 70 ILE A HD11 1 
ATOM 324 H HD12 . ILE A 1 19 ? -4.117  -6.448  6.457   1.00 0.00 ? 70 ILE A HD12 1 
ATOM 325 H HD13 . ILE A 1 19 ? -3.692  -5.973  8.109   1.00 0.00 ? 70 ILE A HD13 1 
ATOM 326 N N    . HIS A 1 20 ? -1.731  -2.014  2.928   1.00 0.00 ? 71 HIS A N    1 
ATOM 327 C CA   . HIS A 1 20 ? -1.457  -1.443  1.578   1.00 0.00 ? 71 HIS A CA   1 
ATOM 328 C C    . HIS A 1 20 ? -0.048  -0.789  1.411   1.00 0.00 ? 71 HIS A C    1 
ATOM 329 O O    . HIS A 1 20 ? 0.558   -0.979  0.355   1.00 0.00 ? 71 HIS A O    1 
ATOM 330 C CB   . HIS A 1 20 ? -2.617  -0.440  1.267   1.00 0.00 ? 71 HIS A CB   1 
ATOM 331 C CG   . HIS A 1 20 ? -2.621  0.211   -0.113  1.00 0.00 ? 71 HIS A CG   1 
ATOM 332 N ND1  . HIS A 1 20 ? -3.328  -0.229  -1.223  1.00 0.00 ? 71 HIS A ND1  1 
ATOM 333 C CD2  . HIS A 1 20 ? -1.865  1.348   -0.457  1.00 0.00 ? 71 HIS A CD2  1 
ATOM 334 C CE1  . HIS A 1 20 ? -2.953  0.687   -2.166  1.00 0.00 ? 71 HIS A CE1  1 
ATOM 335 N NE2  . HIS A 1 20 ? -2.069  1.670   -1.798  1.00 0.00 ? 71 HIS A NE2  1 
ATOM 336 H H    . HIS A 1 20 ? -2.364  -1.545  3.586   1.00 0.00 ? 71 HIS A H    1 
ATOM 337 H HA   . HIS A 1 20 ? -1.448  -2.323  0.908   1.00 0.00 ? 71 HIS A HA   1 
ATOM 338 H HB2  . HIS A 1 20 ? -3.610  -0.913  1.420   1.00 0.00 ? 71 HIS A HB2  1 
ATOM 339 H HB3  . HIS A 1 20 ? -2.641  0.368   2.026   1.00 0.00 ? 71 HIS A HB3  1 
ATOM 340 H HD1  . HIS A 1 20 ? -4.016  -0.992  -1.290  1.00 0.00 ? 71 HIS A HD1  1 
ATOM 341 H HD2  . HIS A 1 20 ? -1.228  1.889   0.238   1.00 0.00 ? 71 HIS A HD2  1 
ATOM 342 H HE1  . HIS A 1 20 ? -3.355  0.635   -3.179  1.00 0.00 ? 71 HIS A HE1  1 
ATOM 343 H HE2  . HIS A 1 20 ? -1.681  2.441   -2.358  1.00 0.00 ? 71 HIS A HE2  1 
ATOM 344 N N    . PHE A 1 21 ? 0.471   -0.071  2.420   1.00 0.00 ? 72 PHE A N    1 
ATOM 345 C CA   . PHE A 1 21 ? 1.871   0.431   2.411   1.00 0.00 ? 72 PHE A CA   1 
ATOM 346 C C    . PHE A 1 21 ? 2.970   -0.678  2.567   1.00 0.00 ? 72 PHE A C    1 
ATOM 347 O O    . PHE A 1 21 ? 4.004   -0.563  1.912   1.00 0.00 ? 72 PHE A O    1 
ATOM 348 C CB   . PHE A 1 21 ? 2.090   1.492   3.527   1.00 0.00 ? 72 PHE A CB   1 
ATOM 349 C CG   . PHE A 1 21 ? 1.231   2.768   3.452   1.00 0.00 ? 72 PHE A CG   1 
ATOM 350 C CD1  . PHE A 1 21 ? 1.182   3.558   2.288   1.00 0.00 ? 72 PHE A CD1  1 
ATOM 351 C CD2  . PHE A 1 21 ? 0.495   3.183   4.573   1.00 0.00 ? 72 PHE A CD2  1 
ATOM 352 C CE1  . PHE A 1 21 ? 0.398   4.713   2.244   1.00 0.00 ? 72 PHE A CE1  1 
ATOM 353 C CE2  . PHE A 1 21 ? -0.286  4.338   4.528   1.00 0.00 ? 72 PHE A CE2  1 
ATOM 354 C CZ   . PHE A 1 21 ? -0.334  5.101   3.362   1.00 0.00 ? 72 PHE A CZ   1 
ATOM 355 H H    . PHE A 1 21 ? -0.147  0.018   3.237   1.00 0.00 ? 72 PHE A H    1 
ATOM 356 H HA   . PHE A 1 21 ? 2.068   0.902   1.431   1.00 0.00 ? 72 PHE A HA   1 
ATOM 357 H HB2  . PHE A 1 21 ? 1.968   1.007   4.517   1.00 0.00 ? 72 PHE A HB2  1 
ATOM 358 H HB3  . PHE A 1 21 ? 3.151   1.816   3.509   1.00 0.00 ? 72 PHE A HB3  1 
ATOM 359 H HD1  . PHE A 1 21 ? 1.747   3.277   1.408   1.00 0.00 ? 72 PHE A HD1  1 
ATOM 360 H HD2  . PHE A 1 21 ? 0.516   2.607   5.489   1.00 0.00 ? 72 PHE A HD2  1 
ATOM 361 H HE1  . PHE A 1 21 ? 0.364   5.305   1.337   1.00 0.00 ? 72 PHE A HE1  1 
ATOM 362 H HE2  . PHE A 1 21 ? -0.856  4.636   5.399   1.00 0.00 ? 72 PHE A HE2  1 
ATOM 363 H HZ   . PHE A 1 21 ? -0.941  5.996   3.327   1.00 0.00 ? 72 PHE A HZ   1 
ATOM 364 N N    . ARG A 1 22 ? 2.746   -1.709  3.395   1.00 0.00 ? 73 ARG A N    1 
ATOM 365 C CA   . ARG A 1 22 ? 3.695   -2.842  3.582   1.00 0.00 ? 73 ARG A CA   1 
ATOM 366 C C    . ARG A 1 22 ? 3.820   -3.772  2.327   1.00 0.00 ? 73 ARG A C    1 
ATOM 367 O O    . ARG A 1 22 ? 4.943   -4.049  1.901   1.00 0.00 ? 73 ARG A O    1 
ATOM 368 C CB   . ARG A 1 22 ? 3.242   -3.680  4.815   1.00 0.00 ? 73 ARG A CB   1 
ATOM 369 C CG   . ARG A 1 22 ? 3.416   -2.966  6.173   1.00 0.00 ? 73 ARG A CG   1 
ATOM 370 C CD   . ARG A 1 22 ? 2.569   -3.628  7.273   1.00 0.00 ? 73 ARG A CD   1 
ATOM 371 N NE   . ARG A 1 22 ? 2.637   -2.838  8.522   1.00 0.00 ? 73 ARG A NE   1 
ATOM 372 C CZ   . ARG A 1 22 ? 1.804   -2.986  9.564   1.00 0.00 ? 73 ARG A CZ   1 
ATOM 373 N NH1  . ARG A 1 22 ? 0.815   -3.869  9.605   1.00 0.00 ? 73 ARG A NH1  1 
ATOM 374 N NH2  . ARG A 1 22 ? 1.979   -2.209  10.609  1.00 0.00 ? 73 ARG A NH2  1 
ATOM 375 H H    . ARG A 1 22 ? 1.818   -1.684  3.831   1.00 0.00 ? 73 ARG A H    1 
ATOM 376 H HA   . ARG A 1 22 ? 4.705   -2.434  3.787   1.00 0.00 ? 73 ARG A HA   1 
ATOM 377 H HB2  . ARG A 1 22 ? 2.188   -3.988  4.671   1.00 0.00 ? 73 ARG A HB2  1 
ATOM 378 H HB3  . ARG A 1 22 ? 3.815   -4.628  4.855   1.00 0.00 ? 73 ARG A HB3  1 
ATOM 379 H HG2  . ARG A 1 22 ? 4.488   -2.961  6.453   1.00 0.00 ? 73 ARG A HG2  1 
ATOM 380 H HG3  . ARG A 1 22 ? 3.131   -1.899  6.086   1.00 0.00 ? 73 ARG A HG3  1 
ATOM 381 H HD2  . ARG A 1 22 ? 1.516   -3.702  6.931   1.00 0.00 ? 73 ARG A HD2  1 
ATOM 382 H HD3  . ARG A 1 22 ? 2.916   -4.662  7.460   1.00 0.00 ? 73 ARG A HD3  1 
ATOM 383 H HE   . ARG A 1 22 ? 3.347   -2.110  8.656   1.00 0.00 ? 73 ARG A HE   1 
ATOM 384 H HH11 . ARG A 1 22 ? 0.709   -4.464  8.777   1.00 0.00 ? 73 ARG A HH11 1 
ATOM 385 H HH12 . ARG A 1 22 ? 0.247   -3.893  10.458  1.00 0.00 ? 73 ARG A HH12 1 
ATOM 386 H HH21 . ARG A 1 22 ? 2.749   -1.534  10.559  1.00 0.00 ? 73 ARG A HH21 1 
ATOM 387 H HH22 . ARG A 1 22 ? 1.333   -2.338  11.395  1.00 0.00 ? 73 ARG A HH22 1 
ATOM 388 N N    . ILE A 1 23 ? 2.690   -4.212  1.748   1.00 0.00 ? 74 ILE A N    1 
ATOM 389 C CA   . ILE A 1 23 ? 2.655   -5.033  0.503   1.00 0.00 ? 74 ILE A CA   1 
ATOM 390 C C    . ILE A 1 23 ? 3.072   -4.195  -0.757  1.00 0.00 ? 74 ILE A C    1 
ATOM 391 O O    . ILE A 1 23 ? 3.863   -4.705  -1.552  1.00 0.00 ? 74 ILE A O    1 
ATOM 392 C CB   . ILE A 1 23 ? 1.234   -5.691  0.332   1.00 0.00 ? 74 ILE A CB   1 
ATOM 393 C CG1  . ILE A 1 23 ? 0.787   -6.581  1.535   1.00 0.00 ? 74 ILE A CG1  1 
ATOM 394 C CG2  . ILE A 1 23 ? 1.124   -6.542  -0.962  1.00 0.00 ? 74 ILE A CG2  1 
ATOM 395 C CD1  . ILE A 1 23 ? 1.653   -7.782  1.904   1.00 0.00 ? 74 ILE A CD1  1 
ATOM 396 H H    . ILE A 1 23 ? 1.835   -3.907  2.221   1.00 0.00 ? 74 ILE A H    1 
ATOM 397 H HA   . ILE A 1 23 ? 3.387   -5.856  0.609   1.00 0.00 ? 74 ILE A HA   1 
ATOM 398 H HB   . ILE A 1 23 ? 0.475   -4.885  0.256   1.00 0.00 ? 74 ILE A HB   1 
ATOM 399 H HG12 . ILE A 1 23 ? 0.682   -5.949  2.435   1.00 0.00 ? 74 ILE A HG12 1 
ATOM 400 H HG13 . ILE A 1 23 ? -0.246  -6.933  1.340   1.00 0.00 ? 74 ILE A HG13 1 
ATOM 401 H HG21 . ILE A 1 23 ? 1.890   -7.338  -1.012  1.00 0.00 ? 74 ILE A HG21 1 
ATOM 402 H HG22 . ILE A 1 23 ? 0.134   -7.026  -1.046  1.00 0.00 ? 74 ILE A HG22 1 
ATOM 403 H HG23 . ILE A 1 23 ? 1.241   -5.926  -1.873  1.00 0.00 ? 74 ILE A HG23 1 
ATOM 404 H HD11 . ILE A 1 23 ? 1.741   -8.516  1.084   1.00 0.00 ? 74 ILE A HD11 1 
ATOM 405 H HD12 . ILE A 1 23 ? 2.676   -7.492  2.202   1.00 0.00 ? 74 ILE A HD12 1 
ATOM 406 H HD13 . ILE A 1 23 ? 1.211   -8.321  2.762   1.00 0.00 ? 74 ILE A HD13 1 
ATOM 407 N N    . GLY A 1 24 ? 2.583   -2.948  -0.912  1.00 0.00 ? 75 GLY A N    1 
ATOM 408 C CA   . GLY A 1 24 ? 3.081   -2.016  -1.946  1.00 0.00 ? 75 GLY A CA   1 
ATOM 409 C C    . GLY A 1 24 ? 4.559   -1.581  -1.899  1.00 0.00 ? 75 GLY A C    1 
ATOM 410 O O    . GLY A 1 24 ? 5.084   -1.236  -2.957  1.00 0.00 ? 75 GLY A O    1 
ATOM 411 H H    . GLY A 1 24 ? 2.027   -2.613  -0.117  1.00 0.00 ? 75 GLY A H    1 
ATOM 412 H HA2  . GLY A 1 24 ? 2.883   -2.460  -2.943  1.00 0.00 ? 75 GLY A HA2  1 
ATOM 413 H HA3  . GLY A 1 24 ? 2.461   -1.104  -1.917  1.00 0.00 ? 75 GLY A HA3  1 
ATOM 414 N N    . CYS A 1 25 ? 5.220   -1.597  -0.726  1.00 0.00 ? 76 CYS A N    1 
ATOM 415 C CA   . CYS A 1 25 ? 6.697   -1.420  -0.634  1.00 0.00 ? 76 CYS A CA   1 
ATOM 416 C C    . CYS A 1 25 ? 7.515   -2.607  -1.239  1.00 0.00 ? 76 CYS A C    1 
ATOM 417 O O    . CYS A 1 25 ? 8.452   -2.370  -2.004  1.00 0.00 ? 76 CYS A O    1 
ATOM 418 C CB   . CYS A 1 25 ? 7.054   -1.270  0.862   1.00 0.00 ? 76 CYS A CB   1 
ATOM 419 S SG   . CYS A 1 25 ? 8.763   -0.671  1.063   1.00 0.00 ? 76 CYS A SG   1 
ATOM 420 H H    . CYS A 1 25 ? 4.657   -1.887  0.089   1.00 0.00 ? 76 CYS A H    1 
ATOM 421 H HA   . CYS A 1 25 ? 6.987   -0.502  -1.191  1.00 0.00 ? 76 CYS A HA   1 
ATOM 422 H HB2  . CYS A 1 25 ? 6.376   -0.586  1.390   1.00 0.00 ? 76 CYS A HB2  1 
ATOM 423 H HB3  . CYS A 1 25 ? 6.916   -2.221  1.407   1.00 0.00 ? 76 CYS A HB3  1 
ATOM 424 H HG   . CYS A 1 25 ? 9.380   -1.808  0.755   1.00 0.00 ? 76 CYS A HG   1 
ATOM 425 N N    . ARG A 1 26 ? 7.132   -3.855  -0.910  1.00 0.00 ? 77 ARG A N    1 
ATOM 426 C CA   . ARG A 1 26 ? 7.671   -5.068  -1.582  1.00 0.00 ? 77 ARG A CA   1 
ATOM 427 C C    . ARG A 1 26 ? 7.087   -5.437  -2.999  1.00 0.00 ? 77 ARG A C    1 
ATOM 428 O O    . ARG A 1 26 ? 7.404   -6.508  -3.522  1.00 0.00 ? 77 ARG A O    1 
ATOM 429 C CB   . ARG A 1 26 ? 7.595   -6.273  -0.602  1.00 0.00 ? 77 ARG A CB   1 
ATOM 430 C CG   . ARG A 1 26 ? 6.186   -6.769  -0.230  1.00 0.00 ? 77 ARG A CG   1 
ATOM 431 C CD   . ARG A 1 26 ? 6.170   -8.017  0.664   1.00 0.00 ? 77 ARG A CD   1 
ATOM 432 N NE   . ARG A 1 26 ? 6.541   -9.240  -0.082  1.00 0.00 ? 77 ARG A NE   1 
ATOM 433 C CZ   . ARG A 1 26 ? 6.588   -10.471 0.449   1.00 0.00 ? 77 ARG A CZ   1 
ATOM 434 N NH1  . ARG A 1 26 ? 6.303   -10.746 1.715   1.00 0.00 ? 77 ARG A NH1  1 
ATOM 435 N NH2  . ARG A 1 26 ? 6.936   -11.468 -0.335  1.00 0.00 ? 77 ARG A NH2  1 
ATOM 436 H H    . ARG A 1 26 ? 6.326   -3.842  -0.276  1.00 0.00 ? 77 ARG A H    1 
ATOM 437 H HA   . ARG A 1 26 ? 8.737   -4.885  -1.782  1.00 0.00 ? 77 ARG A HA   1 
ATOM 438 H HB2  . ARG A 1 26 ? 8.179   -7.104  -1.041  1.00 0.00 ? 77 ARG A HB2  1 
ATOM 439 H HB3  . ARG A 1 26 ? 8.148   -6.013  0.322   1.00 0.00 ? 77 ARG A HB3  1 
ATOM 440 H HG2  . ARG A 1 26 ? 5.657   -5.965  0.313   1.00 0.00 ? 77 ARG A HG2  1 
ATOM 441 H HG3  . ARG A 1 26 ? 5.573   -6.947  -1.135  1.00 0.00 ? 77 ARG A HG3  1 
ATOM 442 H HD2  . ARG A 1 26 ? 6.833   -7.875  1.539   1.00 0.00 ? 77 ARG A HD2  1 
ATOM 443 H HD3  . ARG A 1 26 ? 5.145   -8.136  1.071   1.00 0.00 ? 77 ARG A HD3  1 
ATOM 444 H HE   . ARG A 1 26 ? 6.792   -9.203  -1.076  1.00 0.00 ? 77 ARG A HE   1 
ATOM 445 H HH11 . ARG A 1 26 ? 6.036   -9.946  2.298   1.00 0.00 ? 77 ARG A HH11 1 
ATOM 446 H HH12 . ARG A 1 26 ? 6.374   -11.725 2.007   1.00 0.00 ? 77 ARG A HH12 1 
ATOM 447 H HH21 . ARG A 1 26 ? 7.151   -11.233 -1.308  1.00 0.00 ? 77 ARG A HH21 1 
ATOM 448 H HH22 . ARG A 1 26 ? 6.965   -12.401 0.089   1.00 0.00 ? 77 ARG A HH22 1 
ATOM 449 N N    . HIS A 1 27 ? 6.317   -4.531  -3.611  1.00 0.00 ? 78 HIS A N    1 
ATOM 450 C CA   . HIS A 1 27 ? 5.864   -4.623  -5.021  1.00 0.00 ? 78 HIS A CA   1 
ATOM 451 C C    . HIS A 1 27 ? 6.591   -3.520  -5.846  1.00 0.00 ? 78 HIS A C    1 
ATOM 452 O O    . HIS A 1 27 ? 7.504   -3.825  -6.615  1.00 0.00 ? 78 HIS A O    1 
ATOM 453 C CB   . HIS A 1 27 ? 4.320   -4.691  -5.006  1.00 0.00 ? 78 HIS A CB   1 
ATOM 454 C CG   . HIS A 1 27 ? 3.682   -4.917  -6.383  1.00 0.00 ? 78 HIS A CG   1 
ATOM 455 N ND1  . HIS A 1 27 ? 3.165   -3.889  -7.160  1.00 0.00 ? 78 HIS A ND1  1 
ATOM 456 C CD2  . HIS A 1 27 ? 3.532   -6.148  -7.064  1.00 0.00 ? 78 HIS A CD2  1 
ATOM 457 C CE1  . HIS A 1 27 ? 2.751   -4.589  -8.260  1.00 0.00 ? 78 HIS A CE1  1 
ATOM 458 N NE2  . HIS A 1 27 ? 2.926   -5.947  -8.289  1.00 0.00 ? 78 HIS A NE2  1 
ATOM 459 H H    . HIS A 1 27 ? 6.095   -3.743  -2.994  1.00 0.00 ? 78 HIS A H    1 
ATOM 460 H HA   . HIS A 1 27 ? 6.211   -5.585  -5.453  1.00 0.00 ? 78 HIS A HA   1 
ATOM 461 H HB2  . HIS A 1 27 ? 4.032   -5.529  -4.345  1.00 0.00 ? 78 HIS A HB2  1 
ATOM 462 H HB3  . HIS A 1 27 ? 3.820   -3.855  -4.492  1.00 0.00 ? 78 HIS A HB3  1 
ATOM 463 H HD1  . HIS A 1 27 ? 3.130   -2.880  -6.975  1.00 0.00 ? 78 HIS A HD1  1 
ATOM 464 H HD2  . HIS A 1 27 ? 3.852   -7.114  -6.695  1.00 0.00 ? 78 HIS A HD2  1 
ATOM 465 H HE1  . HIS A 1 27 ? 2.295   -4.078  -9.096  1.00 0.00 ? 78 HIS A HE1  1 
ATOM 466 H HE2  . HIS A 1 27 ? 2.687   -6.624  -9.024  1.00 0.00 ? 78 HIS A HE2  1 
ATOM 467 N N    . SER A 1 28 ? 6.187   -2.258  -5.633  1.00 0.00 ? 79 SER A N    1 
ATOM 468 C CA   . SER A 1 28 ? 6.891   -1.069  -6.153  1.00 0.00 ? 79 SER A CA   1 
ATOM 469 C C    . SER A 1 28 ? 7.931   -0.551  -5.124  1.00 0.00 ? 79 SER A C    1 
ATOM 470 O O    . SER A 1 28 ? 7.635   -0.434  -3.932  1.00 0.00 ? 79 SER A O    1 
ATOM 471 C CB   . SER A 1 28 ? 5.853   0.040   -6.481  1.00 0.00 ? 79 SER A CB   1 
ATOM 472 O OG   . SER A 1 28 ? 5.148   0.515   -5.332  1.00 0.00 ? 79 SER A OG   1 
ATOM 473 H H    . SER A 1 28 ? 5.382   -2.240  -4.991  1.00 0.00 ? 79 SER A H    1 
ATOM 474 H HA   . SER A 1 28 ? 7.388   -1.322  -7.113  1.00 0.00 ? 79 SER A HA   1 
ATOM 475 H HB2  . SER A 1 28 ? 6.364   0.892   -6.966  1.00 0.00 ? 79 SER A HB2  1 
ATOM 476 H HB3  . SER A 1 28 ? 5.126   -0.335  -7.227  1.00 0.00 ? 79 SER A HB3  1 
ATOM 477 H HG   . SER A 1 28 ? 4.843   -0.270  -4.868  1.00 0.00 ? 79 SER A HG   1 
ATOM 478 N N    . ARG A 1 29 ? 9.130   -0.209  -5.619  1.00 0.00 ? 80 ARG A N    1 
ATOM 479 C CA   . ARG A 1 29 ? 10.262  0.347   -4.815  1.00 0.00 ? 80 ARG A CA   1 
ATOM 480 C C    . ARG A 1 29 ? 10.978  -0.785  -3.989  1.00 0.00 ? 80 ARG A C    1 
ATOM 481 O O    . ARG A 1 29 ? 10.996  -0.769  -2.754  1.00 0.00 ? 80 ARG A O    1 
ATOM 482 C CB   . ARG A 1 29 ? 9.891   1.553   -3.899  1.00 0.00 ? 80 ARG A CB   1 
ATOM 483 C CG   . ARG A 1 29 ? 9.171   2.735   -4.574  1.00 0.00 ? 80 ARG A CG   1 
ATOM 484 C CD   . ARG A 1 29 ? 8.188   3.473   -3.645  1.00 0.00 ? 80 ARG A CD   1 
ATOM 485 N NE   . ARG A 1 29 ? 7.000   2.633   -3.350  1.00 0.00 ? 80 ARG A NE   1 
ATOM 486 C CZ   . ARG A 1 29 ? 6.058   2.929   -2.446  1.00 0.00 ? 80 ARG A CZ   1 
ATOM 487 N NH1  . ARG A 1 29 ? 6.025   4.055   -1.750  1.00 0.00 ? 80 ARG A NH1  1 
ATOM 488 N NH2  . ARG A 1 29 ? 5.106   2.047   -2.243  1.00 0.00 ? 80 ARG A NH2  1 
ATOM 489 H H    . ARG A 1 29 ? 9.215   -0.353  -6.632  1.00 0.00 ? 80 ARG A H    1 
ATOM 490 H HA   . ARG A 1 29 ? 11.010  0.718   -5.544  1.00 0.00 ? 80 ARG A HA   1 
ATOM 491 H HB2  . ARG A 1 29 ? 9.300   1.179   -3.040  1.00 0.00 ? 80 ARG A HB2  1 
ATOM 492 H HB3  . ARG A 1 29 ? 10.820  1.934   -3.431  1.00 0.00 ? 80 ARG A HB3  1 
ATOM 493 H HG2  . ARG A 1 29 ? 9.929   3.454   -4.931  1.00 0.00 ? 80 ARG A HG2  1 
ATOM 494 H HG3  . ARG A 1 29 ? 8.630   2.428   -5.490  1.00 0.00 ? 80 ARG A HG3  1 
ATOM 495 H HD2  . ARG A 1 29 ? 8.699   3.776   -2.711  1.00 0.00 ? 80 ARG A HD2  1 
ATOM 496 H HD3  . ARG A 1 29 ? 7.860   4.406   -4.143  1.00 0.00 ? 80 ARG A HD3  1 
ATOM 497 H HE   . ARG A 1 29 ? 6.879   1.713   -3.790  1.00 0.00 ? 80 ARG A HE   1 
ATOM 498 H HH11 . ARG A 1 29 ? 6.782   4.720   -1.937  1.00 0.00 ? 80 ARG A HH11 1 
ATOM 499 H HH12 . ARG A 1 29 ? 5.253   4.171   -1.086  1.00 0.00 ? 80 ARG A HH12 1 
ATOM 500 H HH21 . ARG A 1 29 ? 5.162   1.180   -2.788  1.00 0.00 ? 80 ARG A HH21 1 
ATOM 501 H HH22 . ARG A 1 29 ? 4.393   2.285   -1.546  1.00 0.00 ? 80 ARG A HH22 1 
ATOM 502 N N    . ILE A 1 30 ? 11.595  -1.740  -4.706  1.00 0.00 ? 81 ILE A N    1 
ATOM 503 C CA   . ILE A 1 30 ? 12.340  -2.880  -4.086  1.00 0.00 ? 81 ILE A CA   1 
ATOM 504 C C    . ILE A 1 30 ? 13.850  -2.482  -4.032  1.00 0.00 ? 81 ILE A C    1 
ATOM 505 O O    . ILE A 1 30 ? 14.391  -2.147  -2.977  1.00 0.00 ? 81 ILE A O    1 
ATOM 506 C CB   . ILE A 1 30 ? 12.004  -4.249  -4.799  1.00 0.00 ? 81 ILE A CB   1 
ATOM 507 C CG1  . ILE A 1 30 ? 10.481  -4.585  -4.725  1.00 0.00 ? 81 ILE A CG1  1 
ATOM 508 C CG2  . ILE A 1 30 ? 12.803  -5.410  -4.149  1.00 0.00 ? 81 ILE A CG2  1 
ATOM 509 C CD1  . ILE A 1 30 ? 10.039  -5.723  -5.647  1.00 0.00 ? 81 ILE A CD1  1 
ATOM 510 H H    . ILE A 1 30 ? 11.362  -1.721  -5.704  1.00 0.00 ? 81 ILE A H    1 
ATOM 511 H HA   . ILE A 1 30 ? 12.041  -2.990  -3.049  1.00 0.00 ? 81 ILE A HA   1 
ATOM 512 H HB   . ILE A 1 30 ? 12.294  -4.181  -5.868  1.00 0.00 ? 81 ILE A HB   1 
ATOM 513 H HG12 . ILE A 1 30 ? 10.187  -4.810  -3.683  1.00 0.00 ? 81 ILE A HG12 1 
ATOM 514 H HG13 . ILE A 1 30 ? 9.876   -3.701  -5.003  1.00 0.00 ? 81 ILE A HG13 1 
ATOM 515 H HG21 . ILE A 1 30 ? 13.894  -5.248  -4.206  1.00 0.00 ? 81 ILE A HG21 1 
ATOM 516 H HG22 . ILE A 1 30 ? 12.549  -5.543  -3.081  1.00 0.00 ? 81 ILE A HG22 1 
ATOM 517 H HG23 . ILE A 1 30 ? 12.618  -6.373  -4.655  1.00 0.00 ? 81 ILE A HG23 1 
ATOM 518 H HD11 . ILE A 1 30 ? 10.292  -5.522  -6.703  1.00 0.00 ? 81 ILE A HD11 1 
ATOM 519 H HD12 . ILE A 1 30 ? 10.483  -6.695  -5.375  1.00 0.00 ? 81 ILE A HD12 1 
ATOM 520 H HD13 . ILE A 1 30 ? 8.943   -5.855  -5.601  1.00 0.00 ? 81 ILE A HD13 1 
ATOM 521 N N    . GLY A 1 31 ? 14.444  -2.525  -5.216  1.00 0.00 ? 82 GLY A N    1 
ATOM 522 C CA   . GLY A 1 31 ? 15.780  -1.985  -5.503  1.00 0.00 ? 82 GLY A CA   1 
ATOM 523 C C    . GLY A 1 31 ? 15.774  -1.392  -6.919  1.00 0.00 ? 82 GLY A C    1 
ATOM 524 O O    . GLY A 1 31 ? 16.305  -2.002  -7.849  1.00 0.00 ? 82 GLY A O    1 
ATOM 525 H H    . GLY A 1 31 ? 13.686  -2.683  -5.882  1.00 0.00 ? 82 GLY A H    1 
ATOM 526 H HA2  . GLY A 1 31 ? 16.089  -1.218  -4.764  1.00 0.00 ? 82 GLY A HA2  1 
ATOM 527 H HA3  . GLY A 1 31 ? 16.530  -2.795  -5.439  1.00 0.00 ? 82 GLY A HA3  1 
ATOM 528 N N    . ILE A 1 32 ? 15.122  -0.222  -7.062  1.00 0.00 ? 83 ILE A N    1 
ATOM 529 C CA   . ILE A 1 32 ? 14.792  0.428   -8.367  1.00 0.00 ? 83 ILE A CA   1 
ATOM 530 C C    . ILE A 1 32 ? 13.821  -0.488  -9.167  1.00 0.00 ? 83 ILE A C    1 
ATOM 531 O O    . ILE A 1 32 ? 14.192  -1.138  -10.146 1.00 0.00 ? 83 ILE A O    1 
ATOM 532 C CB   . ILE A 1 32 ? 16.050  0.974   -9.101  1.00 0.00 ? 83 ILE A CB   1 
ATOM 533 C CG1  . ILE A 1 32 ? 16.750  2.050   -8.205  1.00 0.00 ? 83 ILE A CG1  1 
ATOM 534 C CG2  . ILE A 1 32 ? 15.756  1.563   -10.498 1.00 0.00 ? 83 ILE A CG2  1 
ATOM 535 C CD1  . ILE A 1 32 ? 16.058  3.394   -7.989  1.00 0.00 ? 83 ILE A CD1  1 
ATOM 536 H H    . ILE A 1 32 ? 14.727  0.158   -6.200  1.00 0.00 ? 83 ILE A H    1 
ATOM 537 H HA   . ILE A 1 32 ? 14.225  1.343   -8.113  1.00 0.00 ? 83 ILE A HA   1 
ATOM 538 H HB   . ILE A 1 32 ? 16.787  0.158   -9.241  1.00 0.00 ? 83 ILE A HB   1 
ATOM 539 H HG12 . ILE A 1 32 ? 16.941  1.598   -7.208  1.00 0.00 ? 83 ILE A HG12 1 
ATOM 540 H HG13 . ILE A 1 32 ? 17.740  2.234   -8.637  1.00 0.00 ? 83 ILE A HG13 1 
ATOM 541 H HG21 . ILE A 1 32 ? 14.967  2.338   -10.479 1.00 0.00 ? 83 ILE A HG21 1 
ATOM 542 H HG22 . ILE A 1 32 ? 16.661  2.024   -10.937 1.00 0.00 ? 83 ILE A HG22 1 
ATOM 543 H HG23 . ILE A 1 32 ? 15.431  0.788   -11.212 1.00 0.00 ? 83 ILE A HG23 1 
ATOM 544 H HD11 . ILE A 1 32 ? 15.879  3.943   -8.930  1.00 0.00 ? 83 ILE A HD11 1 
ATOM 545 H HD12 . ILE A 1 32 ? 15.087  3.300   -7.470  1.00 0.00 ? 83 ILE A HD12 1 
ATOM 546 H HD13 . ILE A 1 32 ? 16.690  4.046   -7.357  1.00 0.00 ? 83 ILE A HD13 1 
ATOM 547 N N    . ILE A 1 33 ? 12.578  -0.529  -8.665  1.00 0.00 ? 84 ILE A N    1 
ATOM 548 C CA   . ILE A 1 33 ? 11.402  -1.132  -9.348  1.00 0.00 ? 84 ILE A CA   1 
ATOM 549 C C    . ILE A 1 33 ? 10.315  0.001   -9.302  1.00 0.00 ? 84 ILE A C    1 
ATOM 550 O O    . ILE A 1 33 ? 9.303   -0.084  -8.606  1.00 0.00 ? 84 ILE A O    1 
ATOM 551 C CB   . ILE A 1 33 ? 11.032  -2.473  -8.668  1.00 0.00 ? 84 ILE A CB   1 
ATOM 552 C CG1  . ILE A 1 33 ? 12.133  -3.558  -8.892  1.00 0.00 ? 84 ILE A CG1  1 
ATOM 553 C CG2  . ILE A 1 33 ? 9.681   -3.072  -9.126  1.00 0.00 ? 84 ILE A CG2  1 
ATOM 554 C CD1  . ILE A 1 33 ? 12.450  -4.008  -10.316 1.00 0.00 ? 84 ILE A CD1  1 
ATOM 555 H H    . ILE A 1 33 ? 12.450  0.086   -7.862  1.00 0.00 ? 84 ILE A H    1 
ATOM 556 H HA   . ILE A 1 33 ? 11.637  -1.373  -10.395 1.00 0.00 ? 84 ILE A HA   1 
ATOM 557 H HB   . ILE A 1 33 ? 10.980  -2.293  -7.574  1.00 0.00 ? 84 ILE A HB   1 
ATOM 558 H HG12 . ILE A 1 33 ? 13.072  -3.241  -8.398  1.00 0.00 ? 84 ILE A HG12 1 
ATOM 559 H HG13 . ILE A 1 33 ? 11.819  -4.439  -8.328  1.00 0.00 ? 84 ILE A HG13 1 
ATOM 560 H HG21 . ILE A 1 33 ? 9.631   -3.216  -10.220 1.00 0.00 ? 84 ILE A HG21 1 
ATOM 561 H HG22 . ILE A 1 33 ? 9.500   -4.056  -8.657  1.00 0.00 ? 84 ILE A HG22 1 
ATOM 562 H HG23 . ILE A 1 33 ? 8.816   -2.451  -8.844  1.00 0.00 ? 84 ILE A HG23 1 
ATOM 563 H HD11 . ILE A 1 33 ? 11.573  -4.426  -10.839 1.00 0.00 ? 84 ILE A HD11 1 
ATOM 564 H HD12 . ILE A 1 33 ? 12.851  -3.199  -10.951 1.00 0.00 ? 84 ILE A HD12 1 
ATOM 565 H HD13 . ILE A 1 33 ? 13.218  -4.803  -10.299 1.00 0.00 ? 84 ILE A HD13 1 
ATOM 566 N N    . GLN A 1 34 ? 10.602  1.093   -10.027 1.00 0.00 ? 85 GLN A N    1 
ATOM 567 C CA   . GLN A 1 34 ? 9.832   2.366   -9.947  1.00 0.00 ? 85 GLN A CA   1 
ATOM 568 C C    . GLN A 1 34 ? 9.985   3.178   -11.267 1.00 0.00 ? 85 GLN A C    1 
ATOM 569 O O    . GLN A 1 34 ? 8.972   3.437   -11.918 1.00 0.00 ? 85 GLN A O    1 
ATOM 570 C CB   . GLN A 1 34 ? 10.177  3.158   -8.655  1.00 0.00 ? 85 GLN A CB   1 
ATOM 571 C CG   . GLN A 1 34 ? 11.645  3.577   -8.447  1.00 0.00 ? 85 GLN A CG   1 
ATOM 572 C CD   . GLN A 1 34 ? 11.984  3.899   -6.995  1.00 0.00 ? 85 GLN A CD   1 
ATOM 573 O OE1  . GLN A 1 34 ? 12.360  3.019   -6.224  1.00 0.00 ? 85 GLN A OE1  1 
ATOM 574 N NE2  . GLN A 1 34 ? 11.877  5.150   -6.587  1.00 0.00 ? 85 GLN A NE2  1 
ATOM 575 H H    . GLN A 1 34 ? 11.553  1.032   -10.406 1.00 0.00 ? 85 GLN A H    1 
ATOM 576 H HA   . GLN A 1 34 ? 8.753   2.108   -9.905  1.00 0.00 ? 85 GLN A HA   1 
ATOM 577 H HB2  . GLN A 1 34 ? 9.529   4.053   -8.601  1.00 0.00 ? 85 GLN A HB2  1 
ATOM 578 H HB3  . GLN A 1 34 ? 9.846   2.533   -7.801  1.00 0.00 ? 85 GLN A HB3  1 
ATOM 579 H HG2  . GLN A 1 34 ? 12.331  2.772   -8.770  1.00 0.00 ? 85 GLN A HG2  1 
ATOM 580 H HG3  . GLN A 1 34 ? 11.895  4.434   -9.103  1.00 0.00 ? 85 GLN A HG3  1 
ATOM 581 H HE21 . GLN A 1 34 ? 11.570  5.837   -7.284  1.00 0.00 ? 85 GLN A HE21 1 
ATOM 582 H HE22 . GLN A 1 34 ? 12.136  5.330   -5.612  1.00 0.00 ? 85 GLN A HE22 1 
ATOM 583 N N    . GLN A 1 35 ? 11.215  3.556   -11.667 1.00 0.00 ? 86 GLN A N    1 
ATOM 584 C CA   . GLN A 1 35 ? 11.499  4.122   -13.020 1.00 0.00 ? 86 GLN A CA   1 
ATOM 585 C C    . GLN A 1 35 ? 11.765  2.935   -13.986 1.00 0.00 ? 86 GLN A C    1 
ATOM 586 O O    . GLN A 1 35 ? 10.956  2.706   -14.888 1.00 0.00 ? 86 GLN A O    1 
ATOM 587 C CB   . GLN A 1 35 ? 12.646  5.148   -12.880 1.00 0.00 ? 86 GLN A CB   1 
ATOM 588 C CG   . GLN A 1 35 ? 12.974  5.988   -14.127 1.00 0.00 ? 86 GLN A CG   1 
ATOM 589 C CD   . GLN A 1 35 ? 13.972  5.408   -15.128 1.00 0.00 ? 86 GLN A CD   1 
ATOM 590 O OE1  . GLN A 1 35 ? 14.603  4.369   -14.937 1.00 0.00 ? 86 GLN A OE1  1 
ATOM 591 N NE2  . GLN A 1 35 ? 14.175  6.097   -16.233 1.00 0.00 ? 86 GLN A NE2  1 
ATOM 592 H H    . GLN A 1 35 ? 11.973  3.237   -11.055 1.00 0.00 ? 86 GLN A H    1 
ATOM 593 H HA   . GLN A 1 35 ? 10.603  4.663   -13.385 1.00 0.00 ? 86 GLN A HA   1 
ATOM 594 H HB2  . GLN A 1 35 ? 12.342  5.876   -12.097 1.00 0.00 ? 86 GLN A HB2  1 
ATOM 595 H HB3  . GLN A 1 35 ? 13.565  4.681   -12.474 1.00 0.00 ? 86 GLN A HB3  1 
ATOM 596 H HG2  . GLN A 1 35 ? 12.036  6.272   -14.646 1.00 0.00 ? 86 GLN A HG2  1 
ATOM 597 H HG3  . GLN A 1 35 ? 13.393  6.948   -13.766 1.00 0.00 ? 86 GLN A HG3  1 
ATOM 598 H HE21 . GLN A 1 35 ? 13.651  6.973   -16.334 1.00 0.00 ? 86 GLN A HE21 1 
ATOM 599 H HE22 . GLN A 1 35 ? 14.859  5.705   -16.888 1.00 0.00 ? 86 GLN A HE22 1 
ATOM 600 N N    . ARG A 1 36 ? 12.843  2.160   -13.755 1.00 0.00 ? 87 ARG A N    1 
ATOM 601 C CA   . ARG A 1 36 ? 13.078  0.880   -14.451 1.00 0.00 ? 87 ARG A CA   1 
ATOM 602 C C    . ARG A 1 36 ? 12.415  -0.250  -13.625 1.00 0.00 ? 87 ARG A C    1 
ATOM 603 O O    . ARG A 1 36 ? 12.791  -0.492  -12.476 1.00 0.00 ? 87 ARG A O    1 
ATOM 604 C CB   . ARG A 1 36 ? 14.606  0.688   -14.620 1.00 0.00 ? 87 ARG A CB   1 
ATOM 605 C CG   . ARG A 1 36 ? 15.036  -0.532  -15.460 1.00 0.00 ? 87 ARG A CG   1 
ATOM 606 C CD   . ARG A 1 36 ? 15.268  -1.809  -14.643 1.00 0.00 ? 87 ARG A CD   1 
ATOM 607 N NE   . ARG A 1 36 ? 15.516  -2.955  -15.542 1.00 0.00 ? 87 ARG A NE   1 
ATOM 608 C CZ   . ARG A 1 36 ? 15.658  -4.225  -15.132 1.00 0.00 ? 87 ARG A CZ   1 
ATOM 609 N NH1  . ARG A 1 36 ? 15.658  -4.598  -13.860 1.00 0.00 ? 87 ARG A NH1  1 
ATOM 610 N NH2  . ARG A 1 36 ? 15.804  -5.156  -16.048 1.00 0.00 ? 87 ARG A NH2  1 
ATOM 611 H H    . ARG A 1 36 ? 13.439  2.479   -12.983 1.00 0.00 ? 87 ARG A H    1 
ATOM 612 H HA   . ARG A 1 36 ? 12.635  0.932   -15.467 1.00 0.00 ? 87 ARG A HA   1 
ATOM 613 H HB2  . ARG A 1 36 ? 14.999  1.586   -15.137 1.00 0.00 ? 87 ARG A HB2  1 
ATOM 614 H HB3  . ARG A 1 36 ? 15.123  0.687   -13.641 1.00 0.00 ? 87 ARG A HB3  1 
ATOM 615 H HG2  . ARG A 1 36 ? 14.302  -0.709  -16.271 1.00 0.00 ? 87 ARG A HG2  1 
ATOM 616 H HG3  . ARG A 1 36 ? 15.980  -0.268  -15.980 1.00 0.00 ? 87 ARG A HG3  1 
ATOM 617 H HD2  . ARG A 1 36 ? 16.128  -1.671  -13.959 1.00 0.00 ? 87 ARG A HD2  1 
ATOM 618 H HD3  . ARG A 1 36 ? 14.396  -2.035  -14.001 1.00 0.00 ? 87 ARG A HD3  1 
ATOM 619 H HE   . ARG A 1 36 ? 15.520  -2.846  -16.563 1.00 0.00 ? 87 ARG A HE   1 
ATOM 620 H HH11 . ARG A 1 36 ? 15.529  -3.850  -13.172 1.00 0.00 ? 87 ARG A HH11 1 
ATOM 621 H HH12 . ARG A 1 36 ? 15.768  -5.599  -13.668 1.00 0.00 ? 87 ARG A HH12 1 
ATOM 622 H HH21 . ARG A 1 36 ? 15.782  -4.843  -17.026 1.00 0.00 ? 87 ARG A HH21 1 
ATOM 623 H HH22 . ARG A 1 36 ? 15.909  -6.119  -15.718 1.00 0.00 ? 87 ARG A HH22 1 
ATOM 624 N N    . ARG A 1 37 ? 11.456  -0.943  -14.244 1.00 0.00 ? 88 ARG A N    1 
ATOM 625 C CA   . ARG A 1 37 ? 10.872  -2.201  -13.701 1.00 0.00 ? 88 ARG A CA   1 
ATOM 626 C C    . ARG A 1 37 ? 11.514  -3.371  -14.497 1.00 0.00 ? 88 ARG A C    1 
ATOM 627 O O    . ARG A 1 37 ? 12.381  -4.055  -13.947 1.00 0.00 ? 88 ARG A O    1 
ATOM 628 C CB   . ARG A 1 37 ? 9.328   -2.126  -13.747 1.00 0.00 ? 88 ARG A CB   1 
ATOM 629 C CG   . ARG A 1 37 ? 8.737   -1.236  -12.629 1.00 0.00 ? 88 ARG A CG   1 
ATOM 630 C CD   . ARG A 1 37 ? 7.553   -0.355  -13.044 1.00 0.00 ? 88 ARG A CD   1 
ATOM 631 N NE   . ARG A 1 37 ? 7.997   0.807   -13.846 1.00 0.00 ? 88 ARG A NE   1 
ATOM 632 C CZ   . ARG A 1 37 ? 7.225   1.857   -14.162 1.00 0.00 ? 88 ARG A CZ   1 
ATOM 633 N NH1  . ARG A 1 37 ? 5.953   1.975   -13.806 1.00 0.00 ? 88 ARG A NH1  1 
ATOM 634 N NH2  . ARG A 1 37 ? 7.760   2.829   -14.861 1.00 0.00 ? 88 ARG A NH2  1 
ATOM 635 H H    . ARG A 1 37 ? 11.267  -0.643  -15.204 1.00 0.00 ? 88 ARG A H    1 
ATOM 636 H HA   . ARG A 1 37 ? 11.179  -2.334  -12.648 1.00 0.00 ? 88 ARG A HA   1 
ATOM 637 H HB2  . ARG A 1 37 ? 8.990   -1.796  -14.750 1.00 0.00 ? 88 ARG A HB2  1 
ATOM 638 H HB3  . ARG A 1 37 ? 8.898   -3.140  -13.633 1.00 0.00 ? 88 ARG A HB3  1 
ATOM 639 H HG2  . ARG A 1 37 ? 8.410   -1.895  -11.803 1.00 0.00 ? 88 ARG A HG2  1 
ATOM 640 H HG3  . ARG A 1 37 ? 9.511   -0.596  -12.165 1.00 0.00 ? 88 ARG A HG3  1 
ATOM 641 H HD2  . ARG A 1 37 ? 6.794   -0.942  -13.596 1.00 0.00 ? 88 ARG A HD2  1 
ATOM 642 H HD3  . ARG A 1 37 ? 7.057   0.002   -12.119 1.00 0.00 ? 88 ARG A HD3  1 
ATOM 643 H HE   . ARG A 1 37 ? 8.961   0.885   -14.191 1.00 0.00 ? 88 ARG A HE   1 
ATOM 644 H HH11 . ARG A 1 37 ? 5.568   1.204   -13.252 1.00 0.00 ? 88 ARG A HH11 1 
ATOM 645 H HH12 . ARG A 1 37 ? 5.469   2.830   -14.095 1.00 0.00 ? 88 ARG A HH12 1 
ATOM 646 H HH21 . ARG A 1 37 ? 8.750   2.728   -15.115 1.00 0.00 ? 88 ARG A HH21 1 
ATOM 647 H HH22 . ARG A 1 37 ? 7.158   3.628   -15.082 1.00 0.00 ? 88 ARG A HH22 1 
ATOM 648 N N    . THR A 1 38 ? 11.128  -3.560  -15.770 1.00 0.00 ? 89 THR A N    1 
ATOM 649 C CA   . THR A 1 38 ? 11.839  -4.459  -16.723 1.00 0.00 ? 89 THR A CA   1 
ATOM 650 C C    . THR A 1 38 ? 12.464  -3.585  -17.866 1.00 0.00 ? 89 THR A C    1 
ATOM 651 O O    . THR A 1 38 ? 13.677  -3.664  -18.081 1.00 0.00 ? 89 THR A O    1 
ATOM 652 C CB   . THR A 1 38 ? 10.956  -5.644  -17.183 1.00 0.00 ? 89 THR A CB   1 
ATOM 653 O OG1  . THR A 1 38 ? 11.734  -6.489  -18.027 1.00 0.00 ? 89 THR A OG1  1 
ATOM 654 C CG2  . THR A 1 38 ? 9.661   -5.337  -17.926 1.00 0.00 ? 89 THR A CG2  1 
ATOM 655 H H    . THR A 1 38 ? 10.390  -2.922  -16.084 1.00 0.00 ? 89 THR A H    1 
ATOM 656 H HA   . THR A 1 38 ? 12.704  -4.926  -16.209 1.00 0.00 ? 89 THR A HA   1 
ATOM 657 H HB   . THR A 1 38 ? 10.702  -6.223  -16.272 1.00 0.00 ? 89 THR A HB   1 
ATOM 658 H HG1  . THR A 1 38 ? 11.161  -7.223  -18.264 1.00 0.00 ? 89 THR A HG1  1 
ATOM 659 H HG21 . THR A 1 38 ? 8.967   -4.723  -17.326 1.00 0.00 ? 89 THR A HG21 1 
ATOM 660 H HG22 . THR A 1 38 ? 9.826   -4.809  -18.882 1.00 0.00 ? 89 THR A HG22 1 
ATOM 661 H HG23 . THR A 1 38 ? 9.123   -6.271  -18.168 1.00 0.00 ? 89 THR A HG23 1 
ATOM 662 N N    . ARG A 1 39 ? 11.665  -2.742  -18.542 1.00 0.00 ? 90 ARG A N    1 
ATOM 663 C CA   . ARG A 1 39 ? 12.156  -1.704  -19.489 1.00 0.00 ? 90 ARG A CA   1 
ATOM 664 C C    . ARG A 1 39 ? 12.490  -0.394  -18.714 1.00 0.00 ? 90 ARG A C    1 
ATOM 665 O O    . ARG A 1 39 ? 11.841  -0.058  -17.717 1.00 0.00 ? 90 ARG A O    1 
ATOM 666 C CB   . ARG A 1 39 ? 11.023  -1.553  -20.528 1.00 0.00 ? 90 ARG A CB   1 
ATOM 667 C CG   . ARG A 1 39 ? 11.312  -0.796  -21.831 1.00 0.00 ? 90 ARG A CG   1 
ATOM 668 C CD   . ARG A 1 39 ? 11.130  0.723   -21.753 1.00 0.00 ? 90 ARG A CD   1 
ATOM 669 N NE   . ARG A 1 39 ? 10.952  1.272   -23.115 1.00 0.00 ? 90 ARG A NE   1 
ATOM 670 C CZ   . ARG A 1 39 ? 10.906  2.575   -23.415 1.00 0.00 ? 90 ARG A CZ   1 
ATOM 671 N NH1  . ARG A 1 39 ? 11.176  3.547   -22.556 1.00 0.00 ? 90 ARG A NH1  1 
ATOM 672 N NH2  . ARG A 1 39 ? 10.575  2.905   -24.643 1.00 0.00 ? 90 ARG A NH2  1 
ATOM 673 H H    . ARG A 1 39 ? 10.680  -2.770  -18.257 1.00 0.00 ? 90 ARG A H    1 
ATOM 674 H HA   . ARG A 1 39 ? 13.062  -2.087  -19.999 1.00 0.00 ? 90 ARG A HA   1 
ATOM 675 H HB2  . ARG A 1 39 ? 10.726  -2.573  -20.860 1.00 0.00 ? 90 ARG A HB2  1 
ATOM 676 H HB3  . ARG A 1 39 ? 10.107  -1.148  -20.054 1.00 0.00 ? 90 ARG A HB3  1 
ATOM 677 H HG2  . ARG A 1 39 ? 12.317  -1.048  -22.221 1.00 0.00 ? 90 ARG A HG2  1 
ATOM 678 H HG3  . ARG A 1 39 ? 10.610  -1.215  -22.582 1.00 0.00 ? 90 ARG A HG3  1 
ATOM 679 H HD2  . ARG A 1 39 ? 10.247  0.984   -21.138 1.00 0.00 ? 90 ARG A HD2  1 
ATOM 680 H HD3  . ARG A 1 39 ? 12.004  1.185   -21.265 1.00 0.00 ? 90 ARG A HD3  1 
ATOM 681 H HE   . ARG A 1 39 ? 10.686  0.663   -23.901 1.00 0.00 ? 90 ARG A HE   1 
ATOM 682 H HH11 . ARG A 1 39 ? 11.484  3.249   -21.623 1.00 0.00 ? 90 ARG A HH11 1 
ATOM 683 H HH12 . ARG A 1 39 ? 11.121  4.508   -22.907 1.00 0.00 ? 90 ARG A HH12 1 
ATOM 684 H HH21 . ARG A 1 39 ? 10.365  2.129   -25.279 1.00 0.00 ? 90 ARG A HH21 1 
ATOM 685 H HH22 . ARG A 1 39 ? 10.543  3.906   -24.864 1.00 0.00 ? 90 ARG A HH22 1 
ATOM 686 N N    . ASN A 1 40 ? 13.522  0.334   -19.170 1.00 0.00 ? 91 ASN A N    1 
ATOM 687 C CA   . ASN A 1 40 ? 13.985  1.586   -18.505 1.00 0.00 ? 91 ASN A CA   1 
ATOM 688 C C    . ASN A 1 40 ? 13.113  2.801   -18.934 1.00 0.00 ? 91 ASN A C    1 
ATOM 689 O O    . ASN A 1 40 ? 13.099  3.175   -20.111 1.00 0.00 ? 91 ASN A O    1 
ATOM 690 C CB   . ASN A 1 40 ? 15.481  1.779   -18.865 1.00 0.00 ? 91 ASN A CB   1 
ATOM 691 C CG   . ASN A 1 40 ? 16.198  2.850   -18.040 1.00 0.00 ? 91 ASN A CG   1 
ATOM 692 O OD1  . ASN A 1 40 ? 16.595  2.616   -16.901 1.00 0.00 ? 91 ASN A OD1  1 
ATOM 693 N ND2  . ASN A 1 40 ? 16.392  4.036   -18.584 1.00 0.00 ? 91 ASN A ND2  1 
ATOM 694 H H    . ASN A 1 40 ? 13.995  -0.051  -19.994 1.00 0.00 ? 91 ASN A H    1 
ATOM 695 H HA   . ASN A 1 40 ? 13.924  1.445   -17.408 1.00 0.00 ? 91 ASN A HA   1 
ATOM 696 H HB2  . ASN A 1 40 ? 16.024  0.830   -18.685 1.00 0.00 ? 91 ASN A HB2  1 
ATOM 697 H HB3  . ASN A 1 40 ? 15.604  1.967   -19.950 1.00 0.00 ? 91 ASN A HB3  1 
ATOM 698 H HD21 . ASN A 1 40 ? 16.051  4.166   -19.542 1.00 0.00 ? 91 ASN A HD21 1 
ATOM 699 H HD22 . ASN A 1 40 ? 16.910  4.712   -18.013 1.00 0.00 ? 91 ASN A HD22 1 
ATOM 700 N N    . GLY A 1 41 ? 12.404  3.400   -17.966 1.00 0.00 ? 92 GLY A N    1 
ATOM 701 C CA   . GLY A 1 41 ? 11.481  4.526   -18.226 1.00 0.00 ? 92 GLY A CA   1 
ATOM 702 C C    . GLY A 1 41 ? 10.022  4.108   -18.029 1.00 0.00 ? 92 GLY A C    1 
ATOM 703 O O    . GLY A 1 41 ? 9.465   4.303   -16.946 1.00 0.00 ? 92 GLY A O    1 
ATOM 704 H H    . GLY A 1 41 ? 12.499  2.974   -17.037 1.00 0.00 ? 92 GLY A H    1 
ATOM 705 H HA2  . GLY A 1 41 ? 11.711  5.337   -17.511 1.00 0.00 ? 92 GLY A HA2  1 
ATOM 706 H HA3  . GLY A 1 41 ? 11.635  4.985   -19.223 1.00 0.00 ? 92 GLY A HA3  1 
ATOM 707 N N    . ALA A 1 42 ? 9.427   3.523   -19.080 1.00 0.00 ? 93 ALA A N    1 
ATOM 708 C CA   . ALA A 1 42 ? 8.104   2.857   -18.985 1.00 0.00 ? 93 ALA A CA   1 
ATOM 709 C C    . ALA A 1 42 ? 8.221   1.423   -18.392 1.00 0.00 ? 93 ALA A C    1 
ATOM 710 O O    . ALA A 1 42 ? 9.297   0.820   -18.406 1.00 0.00 ? 93 ALA A O    1 
ATOM 711 C CB   . ALA A 1 42 ? 7.517   2.808   -20.407 1.00 0.00 ? 93 ALA A CB   1 
ATOM 712 H H    . ALA A 1 42 ? 10.036  3.406   -19.895 1.00 0.00 ? 93 ALA A H    1 
ATOM 713 H HA   . ALA A 1 42 ? 7.426   3.464   -18.350 1.00 0.00 ? 93 ALA A HA   1 
ATOM 714 H HB1  . ALA A 1 42 ? 7.408   3.821   -20.841 1.00 0.00 ? 93 ALA A HB1  1 
ATOM 715 H HB2  . ALA A 1 42 ? 8.142   2.219   -21.105 1.00 0.00 ? 93 ALA A HB2  1 
ATOM 716 H HB3  . ALA A 1 42 ? 6.510   2.355   -20.421 1.00 0.00 ? 93 ALA A HB3  1 
ATOM 717 N N    . SER A 1 43 ? 7.100   0.868   -17.892 1.00 0.00 ? 94 SER A N    1 
ATOM 718 C CA   . SER A 1 43 ? 7.072   -0.513  -17.322 1.00 0.00 ? 94 SER A CA   1 
ATOM 719 C C    . SER A 1 43 ? 7.483   -1.608  -18.353 1.00 0.00 ? 94 SER A C    1 
ATOM 720 O O    . SER A 1 43 ? 8.491   -2.279  -18.125 1.00 0.00 ? 94 SER A O    1 
ATOM 721 C CB   . SER A 1 43 ? 5.682   -0.767  -16.701 1.00 0.00 ? 94 SER A CB   1 
ATOM 722 O OG   . SER A 1 43 ? 5.671   -1.996  -15.981 1.00 0.00 ? 94 SER A OG   1 
ATOM 723 H H    . SER A 1 43 ? 6.260   1.454   -17.954 1.00 0.00 ? 94 SER A H    1 
ATOM 724 H HA   . SER A 1 43 ? 7.812   -0.546  -16.497 1.00 0.00 ? 94 SER A HA   1 
ATOM 725 H HB2  . SER A 1 43 ? 5.417   0.049   -16.003 1.00 0.00 ? 94 SER A HB2  1 
ATOM 726 H HB3  . SER A 1 43 ? 4.889   -0.782  -17.472 1.00 0.00 ? 94 SER A HB3  1 
ATOM 727 H HG   . SER A 1 43 ? 4.766   -2.128  -15.687 1.00 0.00 ? 94 SER A HG   1 
ATOM 728 N N    . LYS A 1 44 ? 6.746   -1.742  -19.471 1.00 0.00 ? 95 LYS A N    1 
ATOM 729 C CA   . LYS A 1 44 ? 7.179   -2.572  -20.621 1.00 0.00 ? 95 LYS A CA   1 
ATOM 730 C C    . LYS A 1 44 ? 6.687   -1.830  -21.895 1.00 0.00 ? 95 LYS A C    1 
ATOM 731 O O    . LYS A 1 44 ? 5.489   -1.826  -22.199 1.00 0.00 ? 95 LYS A O    1 
ATOM 732 C CB   . LYS A 1 44 ? 6.634   -4.016  -20.519 1.00 0.00 ? 95 LYS A CB   1 
ATOM 733 C CG   . LYS A 1 44 ? 7.399   -5.077  -21.344 1.00 0.00 ? 95 LYS A CG   1 
ATOM 734 C CD   . LYS A 1 44 ? 7.309   -4.923  -22.867 1.00 0.00 ? 95 LYS A CD   1 
ATOM 735 C CE   . LYS A 1 44 ? 8.052   -6.030  -23.625 1.00 0.00 ? 95 LYS A CE   1 
ATOM 736 N NZ   . LYS A 1 44 ? 8.028   -5.745  -25.077 1.00 0.00 ? 95 LYS A NZ   1 
ATOM 737 H H    . LYS A 1 44 ? 5.942   -1.108  -19.531 1.00 0.00 ? 95 LYS A H    1 
ATOM 738 H HA   . LYS A 1 44 ? 8.287   -2.622  -20.631 1.00 0.00 ? 95 LYS A HA   1 
ATOM 739 H HB2  . LYS A 1 44 ? 6.707   -4.354  -19.463 1.00 0.00 ? 95 LYS A HB2  1 
ATOM 740 H HB3  . LYS A 1 44 ? 5.552   -4.058  -20.747 1.00 0.00 ? 95 LYS A HB3  1 
ATOM 741 H HG2  . LYS A 1 44 ? 8.460   -5.085  -21.024 1.00 0.00 ? 95 LYS A HG2  1 
ATOM 742 H HG3  . LYS A 1 44 ? 7.002   -6.068  -21.050 1.00 0.00 ? 95 LYS A HG3  1 
ATOM 743 H HD2  . LYS A 1 44 ? 6.247   -4.888  -23.181 1.00 0.00 ? 95 LYS A HD2  1 
ATOM 744 H HD3  . LYS A 1 44 ? 7.744   -3.951  -23.165 1.00 0.00 ? 95 LYS A HD3  1 
ATOM 745 H HE2  . LYS A 1 44 ? 9.103   -6.095  -23.282 1.00 0.00 ? 95 LYS A HE2  1 
ATOM 746 H HE3  . LYS A 1 44 ? 7.598   -7.020  -23.426 1.00 0.00 ? 95 LYS A HE3  1 
ATOM 747 H HZ1  . LYS A 1 44 ? 8.420   -4.816  -25.286 1.00 0.00 ? 95 LYS A HZ1  1 
ATOM 748 H HZ2  . LYS A 1 44 ? 8.568   -6.427  -25.622 1.00 0.00 ? 95 LYS A HZ2  1 
ATOM 749 H HZ3  . LYS A 1 44 ? 7.073   -5.746  -25.453 1.00 0.00 ? 95 LYS A HZ3  1 
ATOM 750 N N    . SER A 1 45 ? 7.633   -1.235  -22.636 1.00 0.00 ? 96 SER A N    1 
ATOM 751 C CA   . SER A 1 45 ? 7.371   -0.681  -23.982 1.00 0.00 ? 96 SER A CA   1 
ATOM 752 C C    . SER A 1 45 ? 8.538   -1.130  -24.895 1.00 0.00 ? 96 SER A C    1 
ATOM 753 O O    . SER A 1 45 ? 8.517   -2.277  -25.338 1.00 0.00 ? 96 SER A O    1 
ATOM 754 C CB   . SER A 1 45 ? 7.187   0.846   -23.893 1.00 0.00 ? 96 SER A CB   1 
ATOM 755 O OG   . SER A 1 45 ? 6.942   1.403   -25.181 1.00 0.00 ? 96 SER A OG   1 
ATOM 756 O OXT  . SER A 1 45 ? 9.569   -0.263  -25.193 1.00 0.00 ? 96 SER A OXT  1 
ATOM 757 H H    . SER A 1 45 ? 8.586   -1.329  -22.268 1.00 0.00 ? 96 SER A H    1 
ATOM 758 H HA   . SER A 1 45 ? 6.446   -1.119  -24.409 1.00 0.00 ? 96 SER A HA   1 
ATOM 759 H HB2  . SER A 1 45 ? 6.333   1.087   -23.230 1.00 0.00 ? 96 SER A HB2  1 
ATOM 760 H HB3  . SER A 1 45 ? 8.071   1.335   -23.447 1.00 0.00 ? 96 SER A HB3  1 
ATOM 761 H HG   . SER A 1 45 ? 7.636   1.053   -25.749 1.00 0.00 ? 96 SER A HG   1 
ATOM 762 H HXT  . SER A 1 45 ? 10.202  -0.702  -25.765 1.00 0.00 ? 96 SER A HXT  1 
# 
